data_5BYR
#
_entry.id   5BYR
#
_cell.length_a   87.470
_cell.length_b   72.070
_cell.length_c   102.710
_cell.angle_alpha   90.000
_cell.angle_beta   100.860
_cell.angle_gamma   90.000
#
_symmetry.space_group_name_H-M   'P 1 21 1'
#
loop_
_entity.id
_entity.type
_entity.pdbx_description
1 polymer 'Iron hydrogenase 1'
2 non-polymer 'IRON/SULFUR CLUSTER'
3 non-polymer 'FE2/S2 (INORGANIC) CLUSTER'
4 non-polymer 'bis(cyanido-kappaC)(dicarbonyl)-mu-(oxomethylidene)[mu-propane-1,3-bis(thiolate)-1kappa~2~S~1~,S~3~:2kappa~2~S~1~,S~3~] diiron(2+)'
5 non-polymer 'MAGNESIUM ION'
6 non-polymer GLYCEROL
7 water water
#
_entity_poly.entity_id   1
_entity_poly.type   'polypeptide(L)'
_entity_poly.pdbx_seq_one_letter_code
;MKTIIINGVQFNTDEDTTILKFARDNNIDISALCFLNNCNNDINKCEICTVEVEGTGLVTACDTLIEDGMIINTNSDAVN
EKIKSRISQLLDIHEFKCGPCNRRENCEFLKLVIKYKARASKPFLPKDKTEYVDERSKSLTVDRTKCLLCGRCVNACGKN
TETYAMKFLNKNGKTIIGAEDEKCFDDTNCLLCGQCIIACPVAALSEKSHMDRVKNALNAPEKHVIVAMAPSVRASIGEL
FNMGFGVDVTGKIYTALRQLGFDKIFDINFGADMTIMEEATELVQRIENNGPFPMFTSCCPGWVRQAENYYPELLNNLSS
AKSPQQIFGTASKTYYPSISGLDPKNVFTVTVMPCTSKKFEADRPQMEKDGLRDIDAVITTRELAKMIKDAKIPFAKLED
SEADPAMGEYSGAGAIFGATGGVMEAALRSAKDFAENAELEDIEYKQVRGLNGIKEAEVEINNNKYNVAVINGASNLFKF
MKSGMINEKQYHFIEVMACHGGCVNGGGQPHVNPKDLEKVDIKKVRASVLYNQDEHLSKRKSHENTALVKMYQNYFGKPG
EGRAHEILHFKYKKSAWSHPQFEK
;
_entity_poly.pdbx_strand_id   A,B
#
# COMPACT_ATOMS: atom_id res chain seq x y z
N LYS A 2 -1.91 19.41 21.52
CA LYS A 2 -3.34 19.53 21.21
C LYS A 2 -4.21 19.33 22.45
N THR A 3 -5.25 20.15 22.57
CA THR A 3 -6.27 19.94 23.58
C THR A 3 -7.56 19.59 22.88
N ILE A 4 -8.07 18.38 23.18
CA ILE A 4 -9.28 17.83 22.61
C ILE A 4 -10.31 17.64 23.71
N ILE A 5 -11.56 18.02 23.48
CA ILE A 5 -12.64 17.70 24.40
C ILE A 5 -13.54 16.65 23.76
N ILE A 6 -13.72 15.52 24.43
CA ILE A 6 -14.65 14.52 23.97
C ILE A 6 -15.63 14.18 25.06
N ASN A 7 -16.91 14.31 24.71
CA ASN A 7 -17.98 14.09 25.64
C ASN A 7 -17.69 14.76 26.99
N GLY A 8 -17.23 15.99 26.96
CA GLY A 8 -17.03 16.77 28.18
C GLY A 8 -15.72 16.47 28.87
N VAL A 9 -14.96 15.49 28.38
CA VAL A 9 -13.67 15.13 28.94
C VAL A 9 -12.53 15.81 28.15
N GLN A 10 -11.59 16.42 28.87
CA GLN A 10 -10.45 17.08 28.23
C GLN A 10 -9.24 16.14 28.16
N PHE A 11 -8.61 16.15 26.98
CA PHE A 11 -7.40 15.38 26.73
C PHE A 11 -6.34 16.34 26.18
N ASN A 12 -5.10 16.12 26.58
CA ASN A 12 -4.00 16.85 26.00
C ASN A 12 -3.09 15.83 25.36
N THR A 13 -2.80 16.03 24.08
CA THR A 13 -2.11 14.99 23.35
C THR A 13 -1.26 15.59 22.24
N ASP A 14 -0.19 14.90 21.89
CA ASP A 14 0.61 15.28 20.72
C ASP A 14 0.34 14.31 19.56
N GLU A 15 -0.48 13.28 19.78
CA GLU A 15 -0.80 12.29 18.75
C GLU A 15 -1.36 12.96 17.51
N ASP A 16 -0.90 12.51 16.34
CA ASP A 16 -1.57 12.79 15.07
C ASP A 16 -2.31 11.53 14.67
N THR A 17 -3.62 11.55 14.84
CA THR A 17 -4.43 10.35 14.57
C THR A 17 -5.89 10.75 14.32
N THR A 18 -6.72 9.79 14.01
CA THR A 18 -8.12 10.11 13.79
C THR A 18 -8.87 10.17 15.13
N ILE A 19 -10.05 10.81 15.06
CA ILE A 19 -11.00 10.84 16.16
C ILE A 19 -11.33 9.44 16.56
N LEU A 20 -11.60 8.57 15.58
CA LEU A 20 -11.96 7.19 15.90
C LEU A 20 -10.84 6.50 16.70
N LYS A 21 -9.62 6.59 16.22
CA LYS A 21 -8.53 5.84 16.85
C LYS A 21 -8.28 6.44 18.22
N PHE A 22 -8.34 7.76 18.32
CA PHE A 22 -8.08 8.40 19.59
C PHE A 22 -9.13 8.02 20.63
N ALA A 23 -10.39 8.09 20.23
CA ALA A 23 -11.52 7.67 21.03
C ALA A 23 -11.37 6.25 21.52
N ARG A 24 -11.12 5.32 20.62
CA ARG A 24 -10.99 3.93 21.06
C ARG A 24 -9.75 3.69 21.97
N ASP A 25 -8.65 4.41 21.73
CA ASP A 25 -7.50 4.36 22.65
C ASP A 25 -7.80 4.90 24.07
N ASN A 26 -8.95 5.54 24.25
CA ASN A 26 -9.29 6.19 25.50
C ASN A 26 -10.67 5.74 25.99
N ASN A 27 -11.04 4.55 25.52
CA ASN A 27 -12.28 3.84 25.88
C ASN A 27 -13.55 4.67 25.75
N ILE A 28 -13.64 5.37 24.63
CA ILE A 28 -14.84 6.08 24.25
C ILE A 28 -15.42 5.35 23.06
N ASP A 29 -16.69 5.00 23.14
CA ASP A 29 -17.32 4.16 22.15
C ASP A 29 -17.73 4.97 20.94
N ILE A 30 -17.26 4.56 19.79
CA ILE A 30 -17.72 5.11 18.52
C ILE A 30 -17.93 3.92 17.61
N SER A 31 -19.11 3.81 17.02
CA SER A 31 -19.40 2.74 16.09
C SER A 31 -18.62 2.92 14.78
N ALA A 32 -18.37 1.84 14.08
CA ALA A 32 -17.79 1.93 12.74
C ALA A 32 -18.25 0.75 11.95
N LEU A 33 -18.34 0.92 10.67
CA LEU A 33 -18.74 -0.21 9.84
C LEU A 33 -17.78 -0.33 8.68
N CYS A 34 -17.62 0.71 7.86
CA CYS A 34 -16.86 0.50 6.64
C CYS A 34 -15.37 0.67 6.87
N PHE A 35 -14.99 1.14 8.06
CA PHE A 35 -13.58 1.28 8.43
C PHE A 35 -12.97 -0.03 8.84
N LEU A 36 -11.91 -0.47 8.15
CA LEU A 36 -11.17 -1.68 8.48
C LEU A 36 -9.80 -1.62 7.82
N ASN A 37 -8.77 -2.28 8.38
CA ASN A 37 -7.46 -2.31 7.71
C ASN A 37 -6.96 -0.86 7.47
N ASN A 38 -7.25 0.03 8.39
CA ASN A 38 -6.87 1.43 8.27
C ASN A 38 -7.36 2.16 7.03
N CYS A 39 -8.49 1.75 6.49
CA CYS A 39 -9.16 2.54 5.48
C CYS A 39 -10.64 2.38 5.55
N ASN A 40 -11.30 3.35 4.98
CA ASN A 40 -12.77 3.29 4.91
C ASN A 40 -13.20 3.34 3.44
N ASN A 41 -14.50 3.42 3.23
CA ASN A 41 -15.07 3.43 1.88
C ASN A 41 -15.13 4.89 1.38
N ASP A 42 -14.12 5.29 0.63
CA ASP A 42 -13.95 6.72 0.35
C ASP A 42 -15.09 7.29 -0.48
N ILE A 43 -15.78 6.49 -1.27
CA ILE A 43 -16.82 7.02 -2.16
C ILE A 43 -18.28 6.89 -1.74
N ASN A 44 -18.66 5.96 -0.91
N ASN A 44 -18.58 5.90 -0.93
CA ASN A 44 -19.99 6.18 -0.35
CA ASN A 44 -19.89 5.81 -0.32
C ASN A 44 -19.86 5.75 1.10
C ASN A 44 -19.66 5.60 1.16
N LYS A 45 -19.23 6.66 1.85
CA LYS A 45 -18.91 6.50 3.27
C LYS A 45 -20.12 6.02 4.02
N CYS A 46 -19.98 5.00 4.86
CA CYS A 46 -21.14 4.51 5.58
C CYS A 46 -21.66 5.50 6.63
N GLU A 47 -20.78 6.36 7.15
CA GLU A 47 -21.13 7.38 8.17
C GLU A 47 -21.60 6.83 9.50
N ILE A 48 -21.34 5.55 9.75
CA ILE A 48 -21.74 4.93 11.00
C ILE A 48 -20.84 5.47 12.13
N CYS A 49 -19.64 5.92 11.80
CA CYS A 49 -18.72 6.57 12.75
C CYS A 49 -18.94 8.08 12.96
N THR A 50 -20.13 8.56 12.60
CA THR A 50 -20.44 9.97 12.76
C THR A 50 -20.30 10.44 14.19
N VAL A 51 -19.65 11.57 14.31
CA VAL A 51 -19.64 12.33 15.56
C VAL A 51 -19.90 13.82 15.25
N GLU A 52 -20.17 14.59 16.29
CA GLU A 52 -20.43 16.02 16.15
C GLU A 52 -19.22 16.80 16.63
N VAL A 53 -18.69 17.67 15.78
CA VAL A 53 -17.62 18.56 16.17
C VAL A 53 -18.18 19.98 16.21
N GLU A 54 -18.11 20.61 17.37
CA GLU A 54 -18.75 21.92 17.57
C GLU A 54 -18.10 22.90 16.65
N GLY A 55 -18.93 23.68 15.94
CA GLY A 55 -18.45 24.68 15.00
C GLY A 55 -18.38 24.15 13.58
N THR A 56 -18.49 22.82 13.43
CA THR A 56 -18.34 22.15 12.14
C THR A 56 -19.59 21.36 11.78
N GLY A 57 -20.07 20.57 12.72
CA GLY A 57 -21.29 19.83 12.56
C GLY A 57 -20.90 18.34 12.55
N LEU A 58 -21.65 17.54 11.81
CA LEU A 58 -21.44 16.08 11.78
C LEU A 58 -20.25 15.73 10.88
N VAL A 59 -19.36 14.88 11.39
CA VAL A 59 -18.18 14.45 10.65
C VAL A 59 -18.01 12.95 10.86
N THR A 60 -17.27 12.33 9.96
CA THR A 60 -16.95 10.89 10.08
C THR A 60 -15.66 10.75 10.93
N ALA A 61 -15.78 10.14 12.11
CA ALA A 61 -14.62 10.01 13.00
C ALA A 61 -13.48 9.18 12.43
N CYS A 62 -13.81 8.24 11.53
CA CYS A 62 -12.84 7.22 11.14
C CYS A 62 -11.80 7.83 10.17
N ASP A 63 -12.07 9.03 9.63
CA ASP A 63 -11.17 9.61 8.64
C ASP A 63 -10.99 11.11 8.83
N THR A 64 -11.22 11.57 10.06
CA THR A 64 -11.08 12.96 10.45
C THR A 64 -10.00 13.02 11.53
N LEU A 65 -8.94 13.76 11.29
CA LEU A 65 -7.82 13.91 12.24
C LEU A 65 -8.23 14.78 13.37
N ILE A 66 -7.77 14.43 14.55
CA ILE A 66 -7.96 15.30 15.70
C ILE A 66 -7.13 16.56 15.51
N GLU A 67 -7.72 17.65 15.97
CA GLU A 67 -7.14 18.99 15.90
C GLU A 67 -7.29 19.76 17.22
N ASP A 68 -6.24 20.51 17.57
CA ASP A 68 -6.30 21.37 18.75
C ASP A 68 -7.59 22.18 18.74
N GLY A 69 -8.31 22.21 19.84
CA GLY A 69 -9.51 22.99 19.90
C GLY A 69 -10.79 22.24 19.67
N MET A 70 -10.71 21.02 19.15
CA MET A 70 -11.92 20.27 18.88
C MET A 70 -12.73 20.00 20.15
N ILE A 71 -14.04 20.15 20.04
CA ILE A 71 -14.99 19.73 21.08
C ILE A 71 -15.91 18.78 20.40
N ILE A 72 -15.84 17.51 20.81
CA ILE A 72 -16.50 16.41 20.10
C ILE A 72 -17.56 15.79 20.96
N ASN A 73 -18.73 15.58 20.39
CA ASN A 73 -19.75 14.76 21.02
C ASN A 73 -20.12 13.54 20.19
N THR A 74 -20.01 12.38 20.84
CA THR A 74 -20.19 11.11 20.13
C THR A 74 -21.57 10.53 20.29
N ASN A 75 -22.39 11.16 21.14
CA ASN A 75 -23.63 10.53 21.60
C ASN A 75 -24.82 11.48 21.67
N SER A 76 -24.73 12.57 20.95
CA SER A 76 -25.86 13.47 20.87
C SER A 76 -26.97 12.89 20.05
N ASP A 77 -28.13 13.52 20.15
CA ASP A 77 -29.32 13.11 19.42
C ASP A 77 -29.12 13.23 17.92
N ALA A 78 -28.52 14.33 17.48
CA ALA A 78 -28.26 14.46 16.06
C ALA A 78 -27.37 13.31 15.56
N VAL A 79 -26.41 12.89 16.38
CA VAL A 79 -25.46 11.87 15.97
C VAL A 79 -26.18 10.53 15.88
N ASN A 80 -26.94 10.19 16.91
CA ASN A 80 -27.60 8.90 16.92
C ASN A 80 -28.70 8.81 15.86
N GLU A 81 -29.39 9.90 15.60
CA GLU A 81 -30.39 9.89 14.56
C GLU A 81 -29.76 9.68 13.18
N LYS A 82 -28.61 10.28 12.92
CA LYS A 82 -27.90 10.06 11.66
C LYS A 82 -27.48 8.58 11.48
N ILE A 83 -26.80 8.04 12.46
CA ILE A 83 -26.33 6.65 12.44
C ILE A 83 -27.50 5.70 12.24
N LYS A 84 -28.54 5.88 13.04
CA LYS A 84 -29.75 5.07 12.95
C LYS A 84 -30.34 5.16 11.55
N SER A 85 -30.33 6.36 10.97
CA SER A 85 -30.87 6.53 9.67
C SER A 85 -30.07 5.75 8.60
N ARG A 86 -28.76 5.73 8.77
CA ARG A 86 -27.88 5.07 7.82
C ARG A 86 -28.11 3.58 7.93
N ILE A 87 -28.30 3.08 9.13
CA ILE A 87 -28.53 1.64 9.32
C ILE A 87 -29.89 1.22 8.74
N SER A 88 -30.89 2.07 8.93
CA SER A 88 -32.21 1.87 8.32
C SER A 88 -32.10 1.81 6.78
N GLN A 89 -31.34 2.71 6.18
CA GLN A 89 -31.15 2.70 4.75
C GLN A 89 -30.43 1.47 4.26
N LEU A 90 -29.48 0.97 5.06
CA LEU A 90 -28.89 -0.32 4.75
C LEU A 90 -29.92 -1.46 4.85
N LEU A 91 -30.77 -1.42 5.86
CA LEU A 91 -31.79 -2.46 6.00
C LEU A 91 -32.71 -2.46 4.77
N ASP A 92 -32.92 -1.31 4.14
CA ASP A 92 -33.71 -1.25 2.90
C ASP A 92 -33.11 -2.01 1.74
N ILE A 93 -31.82 -2.35 1.77
CA ILE A 93 -31.23 -3.17 0.69
C ILE A 93 -30.70 -4.51 1.21
N HIS A 94 -31.20 -4.89 2.38
CA HIS A 94 -30.70 -6.06 3.11
C HIS A 94 -31.81 -7.06 3.35
N GLU A 95 -31.60 -8.32 2.99
CA GLU A 95 -32.58 -9.37 3.22
C GLU A 95 -32.34 -9.81 4.63
N PHE A 96 -33.06 -9.19 5.53
CA PHE A 96 -32.83 -9.33 6.94
C PHE A 96 -33.50 -10.63 7.46
N LYS A 97 -32.87 -11.78 7.23
CA LYS A 97 -33.42 -13.04 7.72
C LYS A 97 -32.31 -13.87 8.31
N CYS A 98 -32.05 -13.59 9.58
CA CYS A 98 -30.86 -14.07 10.26
C CYS A 98 -30.95 -15.59 10.61
N GLY A 99 -32.17 -16.11 10.74
CA GLY A 99 -32.38 -17.48 11.15
C GLY A 99 -31.47 -18.46 10.44
N PRO A 100 -31.61 -18.55 9.13
CA PRO A 100 -30.81 -19.45 8.29
C PRO A 100 -29.45 -18.90 7.86
N CYS A 101 -29.10 -17.69 8.32
CA CYS A 101 -27.94 -17.00 7.77
C CYS A 101 -26.64 -17.52 8.37
N ASN A 102 -25.62 -17.69 7.53
CA ASN A 102 -24.38 -18.30 8.01
C ASN A 102 -23.57 -17.36 8.91
N ARG A 103 -23.99 -16.09 9.06
CA ARG A 103 -23.29 -15.17 9.99
C ARG A 103 -24.12 -14.85 11.25
N ARG A 104 -25.23 -15.53 11.46
CA ARG A 104 -26.11 -15.23 12.59
C ARG A 104 -25.46 -15.00 13.94
N GLU A 105 -24.43 -15.77 14.26
CA GLU A 105 -23.81 -15.72 15.57
C GLU A 105 -22.68 -14.70 15.70
N ASN A 106 -22.18 -14.18 14.59
CA ASN A 106 -21.08 -13.21 14.65
C ASN A 106 -21.15 -12.16 13.54
N CYS A 107 -22.35 -11.63 13.31
CA CYS A 107 -22.56 -10.60 12.28
C CYS A 107 -22.34 -9.21 12.85
N GLU A 108 -21.47 -8.42 12.22
CA GLU A 108 -21.31 -7.04 12.67
C GLU A 108 -22.52 -6.16 12.41
N PHE A 109 -23.21 -6.41 11.32
CA PHE A 109 -24.35 -5.56 10.97
C PHE A 109 -25.48 -5.78 11.98
N LEU A 110 -25.80 -7.05 12.22
CA LEU A 110 -26.84 -7.39 13.18
C LEU A 110 -26.58 -6.67 14.52
N LYS A 111 -25.33 -6.69 14.97
CA LYS A 111 -24.99 -6.02 16.21
C LYS A 111 -25.33 -4.54 16.10
N LEU A 112 -25.09 -3.92 14.95
CA LEU A 112 -25.36 -2.47 14.85
C LEU A 112 -26.86 -2.20 14.84
N VAL A 113 -27.56 -3.07 14.14
CA VAL A 113 -29.02 -3.01 13.98
C VAL A 113 -29.63 -3.06 15.40
N ILE A 114 -29.12 -3.98 16.20
CA ILE A 114 -29.57 -4.14 17.57
C ILE A 114 -29.21 -2.93 18.41
N LYS A 115 -27.99 -2.47 18.26
CA LYS A 115 -27.47 -1.35 19.06
C LYS A 115 -28.28 -0.06 18.87
N TYR A 116 -28.65 0.24 17.64
CA TYR A 116 -29.35 1.48 17.34
C TYR A 116 -30.85 1.23 17.15
N LYS A 117 -31.30 -0.01 17.32
CA LYS A 117 -32.72 -0.33 17.22
C LYS A 117 -33.32 0.09 15.88
N ALA A 118 -32.51 -0.07 14.83
CA ALA A 118 -32.90 0.34 13.50
C ALA A 118 -33.85 -0.63 12.78
N ARG A 119 -34.62 -0.06 11.85
CA ARG A 119 -35.65 -0.79 11.09
C ARG A 119 -35.67 -0.27 9.67
N ALA A 120 -35.92 -1.19 8.74
CA ALA A 120 -36.04 -0.83 7.34
C ALA A 120 -37.23 0.09 7.16
N SER A 121 -37.17 0.99 6.19
CA SER A 121 -38.35 1.76 5.83
C SER A 121 -39.31 0.91 5.02
N LYS A 122 -38.73 -0.01 4.26
CA LYS A 122 -39.42 -0.94 3.39
C LYS A 122 -38.56 -2.21 3.38
N PRO A 123 -39.04 -3.28 4.02
CA PRO A 123 -38.32 -4.56 3.97
C PRO A 123 -37.92 -4.99 2.56
N PHE A 124 -36.70 -5.50 2.46
CA PHE A 124 -36.17 -6.02 1.19
C PHE A 124 -36.40 -7.52 1.16
N LEU A 125 -37.23 -7.96 0.22
CA LEU A 125 -37.63 -9.36 0.15
C LEU A 125 -37.59 -9.83 -1.26
N PRO A 126 -36.38 -10.13 -1.74
CA PRO A 126 -36.18 -10.47 -3.14
C PRO A 126 -36.84 -11.79 -3.49
N LYS A 127 -37.42 -11.85 -4.69
CA LYS A 127 -38.11 -13.03 -5.19
C LYS A 127 -37.27 -13.80 -6.23
N ASP A 128 -36.19 -13.19 -6.68
CA ASP A 128 -35.30 -13.77 -7.67
C ASP A 128 -33.87 -13.54 -7.19
N LYS A 129 -33.32 -14.48 -6.42
CA LYS A 129 -31.96 -14.29 -5.87
C LYS A 129 -30.88 -14.71 -6.85
N THR A 130 -31.29 -15.46 -7.87
CA THR A 130 -30.50 -15.70 -9.06
C THR A 130 -29.76 -14.48 -9.50
N GLU A 131 -30.48 -13.39 -9.42
CA GLU A 131 -29.93 -12.10 -9.74
C GLU A 131 -28.78 -11.77 -8.75
N TYR A 132 -28.97 -12.13 -7.50
CA TYR A 132 -28.11 -11.67 -6.40
C TYR A 132 -26.97 -12.64 -6.02
N VAL A 133 -27.13 -13.91 -6.34
CA VAL A 133 -26.21 -14.91 -5.83
C VAL A 133 -25.29 -15.37 -6.97
N ASP A 134 -24.01 -15.57 -6.67
CA ASP A 134 -23.04 -16.05 -7.65
C ASP A 134 -22.28 -17.18 -7.00
N GLU A 135 -22.56 -18.40 -7.46
CA GLU A 135 -21.96 -19.59 -6.90
C GLU A 135 -21.13 -20.30 -7.93
N ARG A 136 -20.72 -19.61 -8.99
CA ARG A 136 -19.92 -20.26 -10.05
C ARG A 136 -18.51 -20.68 -9.65
N SER A 137 -17.93 -19.95 -8.71
CA SER A 137 -16.57 -20.21 -8.33
C SER A 137 -16.47 -21.53 -7.57
N LYS A 138 -15.35 -22.17 -7.76
CA LYS A 138 -14.97 -23.32 -6.94
C LYS A 138 -14.61 -22.93 -5.50
N SER A 139 -14.39 -21.63 -5.23
CA SER A 139 -13.93 -21.19 -3.89
C SER A 139 -14.77 -20.18 -3.15
N LEU A 140 -15.26 -19.18 -3.85
CA LEU A 140 -16.00 -18.06 -3.27
C LEU A 140 -17.43 -18.02 -3.72
N THR A 141 -18.33 -17.57 -2.87
CA THR A 141 -19.69 -17.28 -3.30
C THR A 141 -20.07 -15.89 -2.85
N VAL A 142 -20.88 -15.25 -3.67
CA VAL A 142 -21.41 -13.93 -3.40
C VAL A 142 -22.88 -14.02 -3.24
N ASP A 143 -23.38 -13.38 -2.18
CA ASP A 143 -24.81 -13.21 -1.96
C ASP A 143 -25.11 -11.71 -1.73
N ARG A 144 -25.45 -11.05 -2.83
CA ARG A 144 -25.65 -9.61 -2.82
C ARG A 144 -26.91 -9.15 -2.08
N THR A 145 -27.79 -10.07 -1.68
CA THR A 145 -28.92 -9.68 -0.84
C THR A 145 -28.47 -9.27 0.56
N LYS A 146 -27.21 -9.51 0.89
CA LYS A 146 -26.67 -9.20 2.22
C LYS A 146 -25.65 -8.04 2.14
N CYS A 147 -25.29 -7.68 0.92
CA CYS A 147 -24.16 -6.77 0.71
C CYS A 147 -24.55 -5.33 1.05
N LEU A 148 -23.79 -4.75 1.98
CA LEU A 148 -23.93 -3.35 2.42
C LEU A 148 -23.17 -2.33 1.56
N LEU A 149 -22.43 -2.79 0.56
CA LEU A 149 -21.63 -1.89 -0.29
C LEU A 149 -20.65 -1.07 0.56
N CYS A 150 -20.10 -1.74 1.56
CA CYS A 150 -19.18 -1.10 2.47
C CYS A 150 -17.77 -1.03 1.94
N GLY A 151 -17.47 -1.77 0.88
CA GLY A 151 -16.14 -1.69 0.27
C GLY A 151 -15.00 -2.38 1.05
N ARG A 152 -15.30 -3.03 2.19
CA ARG A 152 -14.21 -3.68 2.95
C ARG A 152 -13.51 -4.80 2.18
N CYS A 153 -14.26 -5.55 1.35
CA CYS A 153 -13.67 -6.63 0.52
C CYS A 153 -12.76 -6.00 -0.55
N VAL A 154 -13.22 -4.93 -1.18
CA VAL A 154 -12.44 -4.23 -2.23
C VAL A 154 -11.13 -3.72 -1.64
N ASN A 155 -11.25 -3.06 -0.47
CA ASN A 155 -10.06 -2.53 0.21
C ASN A 155 -9.12 -3.64 0.66
N ALA A 156 -9.69 -4.71 1.20
CA ALA A 156 -8.90 -5.83 1.70
C ALA A 156 -8.21 -6.51 0.51
N CYS A 157 -8.88 -6.66 -0.61
CA CYS A 157 -8.21 -7.30 -1.74
C CYS A 157 -7.04 -6.43 -2.24
N GLY A 158 -7.30 -5.12 -2.32
CA GLY A 158 -6.23 -4.21 -2.70
C GLY A 158 -5.04 -4.24 -1.75
N LYS A 159 -5.27 -4.15 -0.46
CA LYS A 159 -4.16 -4.13 0.47
C LYS A 159 -3.44 -5.47 0.57
N ASN A 160 -4.20 -6.56 0.64
CA ASN A 160 -3.62 -7.88 0.88
C ASN A 160 -3.02 -8.47 -0.38
N THR A 161 -3.63 -8.18 -1.53
CA THR A 161 -3.13 -8.82 -2.76
C THR A 161 -2.63 -7.89 -3.82
N GLU A 162 -3.11 -6.64 -3.79
CA GLU A 162 -2.88 -5.68 -4.87
C GLU A 162 -3.41 -6.13 -6.25
N THR A 163 -4.29 -7.12 -6.31
CA THR A 163 -4.87 -7.48 -7.61
C THR A 163 -6.08 -6.67 -7.97
N TYR A 164 -6.79 -6.13 -6.95
CA TYR A 164 -8.10 -5.53 -7.10
C TYR A 164 -9.00 -6.39 -7.93
N ALA A 165 -8.90 -7.71 -7.71
CA ALA A 165 -9.81 -8.60 -8.41
C ALA A 165 -11.25 -8.42 -7.90
N MET A 166 -11.39 -7.91 -6.67
CA MET A 166 -12.71 -7.52 -6.17
C MET A 166 -12.92 -6.05 -6.47
N LYS A 167 -13.98 -5.74 -7.19
CA LYS A 167 -14.24 -4.36 -7.62
C LYS A 167 -15.68 -3.91 -7.40
N PHE A 168 -15.88 -2.60 -7.30
CA PHE A 168 -17.20 -2.03 -7.52
C PHE A 168 -17.48 -2.06 -9.03
N LEU A 169 -18.71 -2.43 -9.36
CA LEU A 169 -19.19 -2.55 -10.74
C LEU A 169 -20.52 -1.83 -10.82
N ASN A 170 -20.82 -1.30 -12.00
CA ASN A 170 -22.11 -0.67 -12.23
C ASN A 170 -22.89 -1.60 -13.11
N LYS A 171 -24.01 -2.08 -12.60
CA LYS A 171 -24.87 -3.06 -13.27
C LYS A 171 -26.19 -2.32 -13.54
N ASN A 172 -26.32 -1.78 -14.75
CA ASN A 172 -27.45 -0.92 -15.12
C ASN A 172 -27.89 -0.04 -13.98
N GLY A 173 -27.04 0.93 -13.64
CA GLY A 173 -27.40 1.93 -12.67
C GLY A 173 -27.34 1.50 -11.24
N LYS A 174 -27.14 0.21 -10.98
CA LYS A 174 -27.03 -0.30 -9.62
C LYS A 174 -25.57 -0.68 -9.33
N THR A 175 -25.09 -0.27 -8.17
CA THR A 175 -23.73 -0.61 -7.76
C THR A 175 -23.68 -1.99 -7.10
N ILE A 176 -22.77 -2.83 -7.57
CA ILE A 176 -22.51 -4.11 -6.94
C ILE A 176 -20.99 -4.25 -6.74
N ILE A 177 -20.61 -5.25 -5.97
CA ILE A 177 -19.26 -5.73 -6.04
C ILE A 177 -19.24 -7.03 -6.79
N GLY A 178 -18.08 -7.32 -7.30
CA GLY A 178 -17.89 -8.51 -8.11
C GLY A 178 -16.53 -8.52 -8.76
N ALA A 179 -16.35 -9.51 -9.63
CA ALA A 179 -15.10 -9.63 -10.35
C ALA A 179 -15.16 -8.79 -11.61
N GLU A 180 -13.99 -8.56 -12.22
CA GLU A 180 -13.90 -7.90 -13.50
C GLU A 180 -15.01 -8.39 -14.49
N ASP A 181 -15.73 -7.43 -15.07
CA ASP A 181 -16.76 -7.73 -16.05
C ASP A 181 -17.82 -8.68 -15.51
N GLU A 182 -17.94 -8.76 -14.19
CA GLU A 182 -18.89 -9.63 -13.54
C GLU A 182 -18.68 -11.11 -13.92
N LYS A 183 -17.45 -11.42 -14.25
CA LYS A 183 -17.08 -12.79 -14.54
C LYS A 183 -17.08 -13.64 -13.26
N CYS A 184 -17.03 -14.95 -13.45
CA CYS A 184 -16.69 -15.86 -12.36
C CYS A 184 -15.28 -15.49 -11.86
N PHE A 185 -15.11 -15.30 -10.55
CA PHE A 185 -13.76 -15.04 -10.00
C PHE A 185 -12.64 -15.96 -10.55
N ASP A 186 -12.94 -17.25 -10.71
CA ASP A 186 -11.91 -18.21 -11.14
C ASP A 186 -11.32 -17.89 -12.50
N ASP A 187 -12.12 -17.19 -13.30
CA ASP A 187 -11.75 -16.86 -14.67
C ASP A 187 -11.02 -15.54 -14.77
N THR A 188 -10.70 -14.96 -13.61
CA THR A 188 -10.00 -13.68 -13.56
C THR A 188 -8.66 -13.83 -12.86
N ASN A 189 -8.00 -12.72 -12.56
CA ASN A 189 -6.70 -12.80 -11.92
C ASN A 189 -6.80 -13.06 -10.41
N CYS A 190 -8.04 -13.09 -9.90
CA CYS A 190 -8.34 -13.44 -8.53
C CYS A 190 -7.47 -14.66 -8.08
N LEU A 191 -6.94 -14.56 -6.86
CA LEU A 191 -6.11 -15.61 -6.29
C LEU A 191 -6.95 -16.71 -5.54
N LEU A 192 -8.20 -16.39 -5.35
CA LEU A 192 -9.15 -17.20 -4.58
C LEU A 192 -8.74 -17.41 -3.11
N CYS A 193 -8.01 -16.43 -2.57
CA CYS A 193 -7.49 -16.47 -1.20
C CYS A 193 -8.48 -16.17 -0.11
N GLY A 194 -9.61 -15.65 -0.48
CA GLY A 194 -10.64 -15.31 0.46
C GLY A 194 -10.38 -14.21 1.45
N GLN A 195 -9.42 -13.34 1.16
CA GLN A 195 -9.17 -12.27 2.15
C GLN A 195 -10.36 -11.31 2.16
N CYS A 196 -11.07 -11.27 1.05
CA CYS A 196 -12.29 -10.46 0.96
C CYS A 196 -13.37 -10.98 1.90
N ILE A 197 -13.55 -12.31 1.95
CA ILE A 197 -14.48 -12.90 2.90
C ILE A 197 -14.15 -12.52 4.33
N ILE A 198 -12.88 -12.67 4.72
CA ILE A 198 -12.46 -12.33 6.08
C ILE A 198 -12.80 -10.87 6.45
N ALA A 199 -12.70 -9.97 5.47
CA ALA A 199 -13.05 -8.57 5.64
C ALA A 199 -14.54 -8.23 5.67
N CYS A 200 -15.40 -9.18 5.29
CA CYS A 200 -16.83 -8.90 5.13
C CYS A 200 -17.55 -8.95 6.48
N PRO A 201 -18.26 -7.89 6.83
CA PRO A 201 -18.96 -7.84 8.12
C PRO A 201 -20.24 -8.67 8.21
N VAL A 202 -20.68 -9.19 7.06
CA VAL A 202 -21.98 -9.85 6.87
C VAL A 202 -21.82 -11.13 6.04
N ALA A 203 -22.97 -11.70 5.64
CA ALA A 203 -22.94 -12.99 5.01
C ALA A 203 -22.91 -12.82 3.52
N ALA A 204 -22.43 -11.65 3.05
CA ALA A 204 -22.43 -11.38 1.64
C ALA A 204 -21.37 -12.17 0.87
N LEU A 205 -20.21 -12.40 1.48
CA LEU A 205 -19.20 -13.27 0.86
C LEU A 205 -19.00 -14.49 1.73
N SER A 206 -18.84 -15.63 1.07
CA SER A 206 -18.66 -16.88 1.77
C SER A 206 -17.78 -17.82 0.97
N GLU A 207 -17.37 -18.90 1.60
CA GLU A 207 -16.71 -19.96 0.87
C GLU A 207 -17.74 -20.74 0.07
N LYS A 208 -17.34 -21.29 -1.08
CA LYS A 208 -18.14 -22.26 -1.78
C LYS A 208 -18.28 -23.49 -0.90
N SER A 209 -19.52 -23.82 -0.52
CA SER A 209 -19.76 -24.91 0.44
C SER A 209 -19.37 -26.29 -0.14
N HIS A 210 -18.65 -27.10 0.64
CA HIS A 210 -18.48 -28.52 0.34
C HIS A 210 -19.20 -29.40 1.36
N MET A 211 -20.02 -28.79 2.18
CA MET A 211 -20.63 -29.50 3.26
C MET A 211 -21.58 -30.64 2.77
N ASP A 212 -22.33 -30.41 1.70
CA ASP A 212 -23.17 -31.45 1.13
C ASP A 212 -22.36 -32.60 0.55
N ARG A 213 -21.27 -32.28 -0.15
CA ARG A 213 -20.31 -33.31 -0.61
C ARG A 213 -19.91 -34.22 0.53
N VAL A 214 -19.59 -33.62 1.66
CA VAL A 214 -19.07 -34.36 2.79
C VAL A 214 -20.18 -35.20 3.42
N LYS A 215 -21.36 -34.62 3.61
CA LYS A 215 -22.45 -35.34 4.28
C LYS A 215 -22.97 -36.49 3.42
N ASN A 216 -23.03 -36.29 2.10
CA ASN A 216 -23.45 -37.34 1.17
C ASN A 216 -22.48 -38.53 1.22
N ALA A 217 -21.19 -38.20 1.26
CA ALA A 217 -20.15 -39.20 1.38
C ALA A 217 -20.25 -39.93 2.73
N LEU A 218 -20.35 -39.18 3.84
CA LEU A 218 -20.44 -39.84 5.16
C LEU A 218 -21.65 -40.79 5.25
N ASN A 219 -22.74 -40.43 4.59
CA ASN A 219 -23.96 -41.26 4.64
C ASN A 219 -24.03 -42.33 3.55
N ALA A 220 -23.15 -42.26 2.59
CA ALA A 220 -23.11 -43.28 1.56
C ALA A 220 -22.51 -44.57 2.19
N PRO A 221 -23.22 -45.71 2.10
CA PRO A 221 -22.76 -46.88 2.87
C PRO A 221 -21.38 -47.38 2.48
N GLU A 222 -21.08 -47.37 1.20
CA GLU A 222 -19.85 -47.95 0.68
C GLU A 222 -18.63 -47.02 0.72
N LYS A 223 -18.84 -45.72 0.94
CA LYS A 223 -17.70 -44.77 1.04
C LYS A 223 -17.05 -44.85 2.39
N HIS A 224 -15.73 -44.95 2.33
CA HIS A 224 -14.86 -44.87 3.49
C HIS A 224 -14.29 -43.44 3.51
N VAL A 225 -14.75 -42.62 4.46
CA VAL A 225 -14.43 -41.18 4.43
C VAL A 225 -13.26 -40.87 5.38
N ILE A 226 -12.10 -40.60 4.78
CA ILE A 226 -10.95 -40.05 5.47
C ILE A 226 -11.13 -38.56 5.72
N VAL A 227 -10.70 -38.09 6.89
CA VAL A 227 -10.57 -36.63 7.08
C VAL A 227 -9.21 -36.30 7.61
N ALA A 228 -8.71 -35.13 7.22
CA ALA A 228 -7.40 -34.67 7.71
C ALA A 228 -7.41 -33.17 7.79
N MET A 229 -6.97 -32.57 8.90
CA MET A 229 -7.03 -31.13 9.02
C MET A 229 -5.68 -30.52 8.82
N ALA A 230 -5.71 -29.27 8.37
CA ALA A 230 -4.55 -28.46 8.14
C ALA A 230 -3.83 -28.12 9.43
N PRO A 231 -2.53 -27.71 9.33
CA PRO A 231 -1.87 -27.24 10.53
C PRO A 231 -2.71 -26.20 11.30
N SER A 232 -3.25 -25.19 10.59
CA SER A 232 -3.88 -24.05 11.26
C SER A 232 -5.17 -24.31 11.98
N VAL A 233 -5.91 -25.36 11.61
CA VAL A 233 -7.23 -25.53 12.17
C VAL A 233 -7.20 -25.74 13.73
N ARG A 234 -6.19 -26.45 14.20
CA ARG A 234 -6.06 -26.82 15.62
C ARG A 234 -5.69 -25.63 16.50
N ALA A 235 -5.31 -24.53 15.83
CA ALA A 235 -4.92 -23.29 16.50
C ALA A 235 -6.00 -22.23 16.41
N SER A 236 -7.12 -22.57 15.74
CA SER A 236 -8.10 -21.58 15.33
C SER A 236 -9.55 -21.87 15.68
N ILE A 237 -9.97 -23.13 15.55
CA ILE A 237 -11.40 -23.44 15.50
C ILE A 237 -12.06 -23.17 16.88
N GLY A 238 -11.28 -23.23 17.96
CA GLY A 238 -11.77 -22.94 19.30
C GLY A 238 -12.39 -21.57 19.47
N GLU A 239 -11.91 -20.59 18.69
CA GLU A 239 -12.48 -19.27 18.67
C GLU A 239 -14.01 -19.31 18.50
N LEU A 240 -14.49 -20.20 17.64
CA LEU A 240 -15.89 -20.26 17.29
C LEU A 240 -16.77 -21.02 18.29
N PHE A 241 -16.16 -21.52 19.35
CA PHE A 241 -16.85 -22.20 20.43
C PHE A 241 -16.60 -21.41 21.71
N ASN A 242 -16.30 -20.13 21.55
CA ASN A 242 -16.05 -19.23 22.69
C ASN A 242 -14.97 -19.75 23.65
N MET A 243 -13.91 -20.34 23.09
CA MET A 243 -12.82 -20.82 23.94
C MET A 243 -11.69 -19.81 24.06
N GLY A 244 -11.79 -18.72 23.32
CA GLY A 244 -10.78 -17.68 23.34
C GLY A 244 -9.76 -17.88 22.24
N PHE A 245 -8.65 -17.15 22.31
CA PHE A 245 -7.66 -17.17 21.23
C PHE A 245 -6.40 -17.93 21.62
N GLY A 246 -5.74 -18.56 20.64
CA GLY A 246 -4.50 -19.25 20.90
C GLY A 246 -4.64 -20.55 21.67
N VAL A 247 -5.82 -21.17 21.59
CA VAL A 247 -6.05 -22.45 22.29
C VAL A 247 -5.75 -23.63 21.37
N ASP A 248 -4.91 -24.54 21.84
CA ASP A 248 -4.61 -25.72 21.09
C ASP A 248 -5.76 -26.73 21.28
N VAL A 249 -6.55 -27.01 20.24
CA VAL A 249 -7.67 -27.94 20.38
C VAL A 249 -7.52 -29.22 19.54
N THR A 250 -6.27 -29.65 19.34
CA THR A 250 -5.97 -30.74 18.41
C THR A 250 -6.79 -31.99 18.76
N GLY A 251 -6.70 -32.37 20.03
CA GLY A 251 -7.35 -33.55 20.54
C GLY A 251 -8.86 -33.48 20.49
N LYS A 252 -9.45 -32.32 20.77
CA LYS A 252 -10.91 -32.16 20.67
C LYS A 252 -11.39 -32.30 19.24
N ILE A 253 -10.67 -31.73 18.28
CA ILE A 253 -11.00 -31.93 16.88
C ILE A 253 -11.04 -33.40 16.50
N TYR A 254 -10.00 -34.14 16.84
CA TYR A 254 -9.99 -35.55 16.51
C TYR A 254 -11.24 -36.26 17.07
N THR A 255 -11.64 -35.94 18.30
CA THR A 255 -12.82 -36.58 18.90
C THR A 255 -14.09 -36.14 18.17
N ALA A 256 -14.15 -34.85 17.84
CA ALA A 256 -15.28 -34.29 17.13
C ALA A 256 -15.46 -34.94 15.78
N LEU A 257 -14.35 -35.20 15.10
CA LEU A 257 -14.43 -35.76 13.76
C LEU A 257 -14.98 -37.20 13.83
N ARG A 258 -14.54 -37.92 14.84
CA ARG A 258 -15.08 -39.26 15.09
C ARG A 258 -16.60 -39.19 15.33
N GLN A 259 -17.04 -38.28 16.18
CA GLN A 259 -18.44 -38.15 16.46
C GLN A 259 -19.25 -37.69 15.24
N LEU A 260 -18.63 -37.02 14.26
CA LEU A 260 -19.36 -36.68 13.02
C LEU A 260 -19.51 -37.88 12.08
N GLY A 261 -18.81 -38.98 12.38
CA GLY A 261 -18.97 -40.20 11.60
C GLY A 261 -17.87 -40.48 10.62
N PHE A 262 -16.80 -39.66 10.63
CA PHE A 262 -15.70 -39.91 9.71
C PHE A 262 -15.08 -41.29 10.03
N ASP A 263 -14.58 -41.94 9.00
CA ASP A 263 -14.13 -43.34 9.14
C ASP A 263 -12.65 -43.47 9.46
N LYS A 264 -11.88 -42.44 9.17
CA LYS A 264 -10.46 -42.47 9.49
C LYS A 264 -10.04 -41.05 9.75
N ILE A 265 -9.29 -40.85 10.84
CA ILE A 265 -8.83 -39.57 11.26
C ILE A 265 -7.34 -39.45 11.05
N PHE A 266 -6.95 -38.74 9.99
CA PHE A 266 -5.57 -38.51 9.66
C PHE A 266 -5.27 -37.03 9.85
N ASP A 267 -4.17 -36.56 9.30
CA ASP A 267 -3.77 -35.17 9.58
C ASP A 267 -2.96 -34.65 8.40
N ILE A 268 -3.25 -33.42 7.95
CA ILE A 268 -2.54 -32.88 6.78
C ILE A 268 -1.09 -32.57 7.17
N ASN A 269 -0.81 -32.42 8.44
CA ASN A 269 0.59 -32.29 8.85
C ASN A 269 1.50 -33.46 8.45
N PHE A 270 0.92 -34.64 8.33
CA PHE A 270 1.60 -35.79 7.73
C PHE A 270 1.93 -35.52 6.29
N GLY A 271 0.92 -35.00 5.59
CA GLY A 271 1.13 -34.49 4.25
C GLY A 271 2.22 -33.41 4.20
N ALA A 272 2.31 -32.54 5.21
CA ALA A 272 3.34 -31.48 5.24
C ALA A 272 4.71 -32.16 5.32
N ASP A 273 4.81 -33.21 6.14
CA ASP A 273 6.07 -33.95 6.25
C ASP A 273 6.40 -34.59 4.91
N MET A 274 5.40 -35.09 4.18
CA MET A 274 5.62 -35.60 2.82
C MET A 274 6.14 -34.55 1.85
N THR A 275 5.47 -33.39 1.82
CA THR A 275 5.91 -32.26 0.96
C THR A 275 7.40 -31.94 1.24
N ILE A 276 7.76 -31.85 2.49
CA ILE A 276 9.16 -31.64 2.82
C ILE A 276 10.06 -32.77 2.31
N MET A 277 9.67 -34.03 2.49
CA MET A 277 10.51 -35.12 2.03
C MET A 277 10.84 -34.90 0.58
N GLU A 278 9.84 -34.53 -0.19
CA GLU A 278 9.97 -34.36 -1.61
C GLU A 278 10.70 -33.06 -1.91
N GLU A 279 10.28 -31.97 -1.30
CA GLU A 279 10.83 -30.66 -1.71
C GLU A 279 12.25 -30.44 -1.19
N ALA A 280 12.55 -30.93 0.00
CA ALA A 280 13.90 -30.80 0.55
C ALA A 280 14.86 -31.63 -0.30
N THR A 281 14.38 -32.79 -0.77
CA THR A 281 15.18 -33.59 -1.68
C THR A 281 15.41 -32.85 -3.02
N GLU A 282 14.35 -32.27 -3.57
CA GLU A 282 14.46 -31.47 -4.76
C GLU A 282 15.46 -30.31 -4.60
N LEU A 283 15.45 -29.65 -3.45
CA LEU A 283 16.35 -28.52 -3.18
C LEU A 283 17.80 -28.99 -3.19
N VAL A 284 18.07 -30.14 -2.58
CA VAL A 284 19.43 -30.72 -2.59
C VAL A 284 19.85 -31.14 -4.00
N GLN A 285 18.93 -31.68 -4.78
CA GLN A 285 19.22 -31.99 -6.16
C GLN A 285 19.67 -30.72 -6.88
N ARG A 286 18.84 -29.67 -6.80
CA ARG A 286 19.15 -28.42 -7.48
C ARG A 286 20.50 -27.85 -7.01
N ILE A 287 20.77 -27.99 -5.73
CA ILE A 287 22.03 -27.54 -5.14
C ILE A 287 23.21 -28.36 -5.72
N GLU A 288 22.98 -29.67 -5.94
CA GLU A 288 24.03 -30.56 -6.42
C GLU A 288 24.27 -30.32 -7.88
N ASN A 289 23.20 -30.01 -8.60
CA ASN A 289 23.26 -29.70 -10.00
C ASN A 289 23.51 -28.21 -10.26
N ASN A 290 23.98 -27.52 -9.20
CA ASN A 290 24.15 -26.07 -9.20
C ASN A 290 23.07 -25.35 -10.01
N GLY A 291 21.81 -25.72 -9.80
CA GLY A 291 20.71 -25.14 -10.57
C GLY A 291 19.57 -26.10 -10.82
N PRO A 292 18.47 -25.62 -11.38
CA PRO A 292 18.14 -24.20 -11.60
C PRO A 292 17.64 -23.51 -10.36
N PHE A 293 17.87 -22.19 -10.30
CA PHE A 293 17.46 -21.36 -9.18
C PHE A 293 16.69 -20.12 -9.67
N PRO A 294 15.82 -19.55 -8.83
CA PRO A 294 15.45 -20.04 -7.51
C PRO A 294 14.43 -21.15 -7.65
N MET A 295 14.36 -21.97 -6.63
CA MET A 295 13.18 -22.80 -6.49
C MET A 295 12.14 -22.10 -5.63
N PHE A 296 10.87 -22.11 -6.05
CA PHE A 296 9.81 -21.48 -5.28
C PHE A 296 8.98 -22.59 -4.64
N THR A 297 8.45 -22.38 -3.46
CA THR A 297 7.42 -23.31 -2.95
C THR A 297 6.16 -23.33 -3.83
N SER A 298 5.42 -24.43 -3.76
CA SER A 298 4.27 -24.64 -4.62
C SER A 298 3.05 -25.09 -3.82
N CYS A 299 3.15 -24.97 -2.50
CA CYS A 299 2.10 -25.45 -1.56
C CYS A 299 0.88 -24.55 -1.40
N CYS A 300 1.04 -23.27 -1.74
CA CYS A 300 -0.02 -22.28 -1.52
C CYS A 300 -0.69 -22.05 -2.86
N PRO A 301 -1.95 -22.39 -2.95
CA PRO A 301 -2.58 -22.30 -4.28
C PRO A 301 -2.94 -20.86 -4.68
N GLY A 302 -3.07 -20.00 -3.68
CA GLY A 302 -3.21 -18.56 -3.94
C GLY A 302 -2.01 -18.05 -4.71
N TRP A 303 -0.81 -18.36 -4.21
CA TRP A 303 0.45 -18.03 -4.86
C TRP A 303 0.56 -18.72 -6.22
N VAL A 304 0.14 -19.98 -6.34
CA VAL A 304 0.21 -20.64 -7.65
C VAL A 304 -0.66 -19.90 -8.66
N ARG A 305 -1.83 -19.48 -8.25
CA ARG A 305 -2.69 -18.68 -9.14
C ARG A 305 -2.01 -17.33 -9.41
N GLN A 306 -1.37 -16.73 -8.40
CA GLN A 306 -0.66 -15.44 -8.64
C GLN A 306 0.43 -15.62 -9.70
N ALA A 307 1.19 -16.69 -9.59
CA ALA A 307 2.18 -17.04 -10.60
C ALA A 307 1.54 -17.28 -11.98
N GLU A 308 0.51 -18.09 -12.03
CA GLU A 308 -0.17 -18.37 -13.29
C GLU A 308 -0.69 -17.09 -13.95
N ASN A 309 -1.24 -16.20 -13.14
CA ASN A 309 -1.95 -15.02 -13.64
C ASN A 309 -1.01 -13.83 -13.92
N TYR A 310 0.16 -13.82 -13.30
CA TYR A 310 1.03 -12.62 -13.34
C TYR A 310 2.49 -12.91 -13.66
N TYR A 311 2.98 -14.09 -13.28
CA TYR A 311 4.37 -14.47 -13.45
C TYR A 311 4.51 -15.89 -14.00
N PRO A 312 3.87 -16.16 -15.14
CA PRO A 312 3.79 -17.55 -15.62
C PRO A 312 5.18 -18.11 -15.91
N GLU A 313 6.14 -17.22 -16.18
CA GLU A 313 7.57 -17.60 -16.28
C GLU A 313 8.18 -18.19 -15.01
N LEU A 314 7.52 -18.05 -13.86
CA LEU A 314 8.07 -18.61 -12.64
C LEU A 314 7.55 -20.06 -12.46
N LEU A 315 6.53 -20.44 -13.22
CA LEU A 315 5.90 -21.77 -13.00
C LEU A 315 6.92 -22.89 -13.09
N ASN A 316 7.93 -22.70 -13.94
CA ASN A 316 8.94 -23.74 -14.14
C ASN A 316 9.92 -23.79 -12.96
N ASN A 317 9.90 -22.75 -12.15
CA ASN A 317 10.76 -22.66 -10.99
C ASN A 317 10.07 -23.25 -9.79
N LEU A 318 8.77 -23.49 -9.90
CA LEU A 318 8.07 -24.01 -8.71
C LEU A 318 8.58 -25.41 -8.37
N SER A 319 8.66 -25.73 -7.09
CA SER A 319 8.92 -27.13 -6.73
C SER A 319 7.80 -27.97 -7.32
N SER A 320 8.17 -29.15 -7.80
CA SER A 320 7.14 -30.04 -8.37
C SER A 320 6.50 -30.89 -7.25
N ALA A 321 6.98 -30.78 -6.03
CA ALA A 321 6.27 -31.43 -4.93
C ALA A 321 4.81 -30.96 -4.86
N LYS A 322 3.86 -31.88 -4.74
CA LYS A 322 2.47 -31.49 -4.50
C LYS A 322 2.41 -30.83 -3.12
N SER A 323 1.36 -30.05 -2.92
CA SER A 323 1.09 -29.42 -1.65
C SER A 323 0.73 -30.51 -0.62
N PRO A 324 0.83 -30.17 0.68
CA PRO A 324 0.47 -31.13 1.72
C PRO A 324 -0.89 -31.78 1.47
N GLN A 325 -1.85 -30.96 1.09
CA GLN A 325 -3.19 -31.43 0.79
C GLN A 325 -3.23 -32.42 -0.36
N GLN A 326 -2.69 -32.02 -1.51
CA GLN A 326 -2.76 -32.91 -2.66
C GLN A 326 -1.81 -34.11 -2.53
N ILE A 327 -0.71 -33.94 -1.83
CA ILE A 327 0.27 -35.01 -1.74
C ILE A 327 -0.35 -36.10 -0.84
N PHE A 328 -1.00 -35.61 0.20
CA PHE A 328 -1.69 -36.47 1.19
C PHE A 328 -2.81 -37.20 0.46
N GLY A 329 -3.59 -36.43 -0.29
CA GLY A 329 -4.71 -36.98 -1.07
C GLY A 329 -4.24 -38.06 -2.05
N THR A 330 -3.15 -37.79 -2.76
CA THR A 330 -2.61 -38.80 -3.69
C THR A 330 -2.25 -40.13 -2.94
N ALA A 331 -1.52 -40.02 -1.86
CA ALA A 331 -1.20 -41.13 -1.00
C ALA A 331 -2.43 -41.88 -0.43
N SER A 332 -3.50 -41.15 -0.11
CA SER A 332 -4.74 -41.74 0.40
C SER A 332 -5.49 -42.61 -0.61
N LYS A 333 -5.16 -42.48 -1.90
CA LYS A 333 -5.76 -43.28 -2.93
C LYS A 333 -4.84 -44.40 -3.41
N THR A 334 -3.60 -44.44 -2.92
CA THR A 334 -2.60 -45.37 -3.46
C THR A 334 -2.00 -46.12 -2.30
N TYR A 335 -1.26 -45.43 -1.45
CA TYR A 335 -0.64 -46.08 -0.30
C TYR A 335 -1.71 -46.64 0.68
N TYR A 336 -2.70 -45.82 0.99
CA TYR A 336 -3.59 -46.18 2.06
C TYR A 336 -4.44 -47.45 1.71
N PRO A 337 -4.93 -47.58 0.48
CA PRO A 337 -5.56 -48.88 0.14
C PRO A 337 -4.59 -50.04 0.27
N SER A 338 -3.31 -49.80 0.00
CA SER A 338 -2.30 -50.87 0.07
C SER A 338 -2.04 -51.36 1.51
N ILE A 339 -2.44 -50.59 2.50
CA ILE A 339 -2.19 -50.97 3.87
C ILE A 339 -3.49 -51.16 4.63
N SER A 340 -4.64 -51.14 3.93
CA SER A 340 -5.92 -51.18 4.62
C SER A 340 -6.89 -52.17 3.96
N GLY A 341 -6.68 -52.46 2.69
CA GLY A 341 -7.60 -53.28 1.96
C GLY A 341 -8.80 -52.62 1.37
N LEU A 342 -8.97 -51.32 1.62
CA LEU A 342 -10.00 -50.56 0.93
C LEU A 342 -9.85 -50.60 -0.62
N ASP A 343 -10.98 -50.69 -1.30
CA ASP A 343 -11.05 -50.46 -2.70
C ASP A 343 -10.80 -48.94 -2.90
N PRO A 344 -9.77 -48.57 -3.68
CA PRO A 344 -9.49 -47.12 -3.82
C PRO A 344 -10.66 -46.29 -4.29
N LYS A 345 -11.53 -46.82 -5.15
CA LYS A 345 -12.69 -46.07 -5.59
C LYS A 345 -13.65 -45.71 -4.45
N ASN A 346 -13.61 -46.46 -3.35
CA ASN A 346 -14.51 -46.18 -2.24
C ASN A 346 -13.95 -45.23 -1.18
N VAL A 347 -12.69 -44.86 -1.33
CA VAL A 347 -12.05 -43.94 -0.39
C VAL A 347 -12.51 -42.56 -0.81
N PHE A 348 -13.01 -41.78 0.13
CA PHE A 348 -13.42 -40.40 -0.14
C PHE A 348 -12.60 -39.53 0.82
N THR A 349 -11.75 -38.65 0.26
CA THR A 349 -10.78 -37.94 1.06
C THR A 349 -11.16 -36.47 1.24
N VAL A 350 -11.44 -36.15 2.50
CA VAL A 350 -11.86 -34.82 2.91
C VAL A 350 -10.78 -34.09 3.69
N THR A 351 -10.46 -32.86 3.29
CA THR A 351 -9.64 -32.04 4.17
C THR A 351 -10.40 -30.88 4.84
N VAL A 352 -9.82 -30.44 5.96
CA VAL A 352 -10.30 -29.30 6.71
C VAL A 352 -9.19 -28.25 6.67
N MET A 353 -9.51 -27.13 6.07
CA MET A 353 -8.49 -26.15 5.66
C MET A 353 -8.82 -24.72 6.15
N PRO A 354 -7.83 -23.92 6.46
CA PRO A 354 -8.05 -22.49 6.79
C PRO A 354 -8.28 -21.61 5.55
N CYS A 355 -8.57 -22.25 4.45
CA CYS A 355 -8.30 -21.75 3.10
C CYS A 355 -9.43 -21.99 2.09
N THR A 356 -9.78 -20.96 1.32
CA THR A 356 -10.75 -21.10 0.25
C THR A 356 -10.10 -21.57 -1.05
N SER A 357 -8.84 -21.22 -1.21
CA SER A 357 -8.13 -21.44 -2.47
C SER A 357 -7.89 -22.97 -2.62
N LYS A 358 -7.78 -23.65 -1.47
CA LYS A 358 -7.64 -25.13 -1.46
C LYS A 358 -8.78 -25.85 -2.16
N LYS A 359 -9.95 -25.25 -2.20
CA LYS A 359 -11.08 -25.88 -2.91
C LYS A 359 -10.83 -25.87 -4.39
N PHE A 360 -10.27 -24.76 -4.89
CA PHE A 360 -9.89 -24.71 -6.29
C PHE A 360 -8.81 -25.74 -6.60
N GLU A 361 -7.77 -25.80 -5.75
CA GLU A 361 -6.67 -26.72 -5.95
C GLU A 361 -7.23 -28.17 -6.03
N ALA A 362 -8.08 -28.53 -5.08
CA ALA A 362 -8.57 -29.91 -4.98
C ALA A 362 -9.41 -30.25 -6.22
N ASP A 363 -9.97 -29.24 -6.86
CA ASP A 363 -10.82 -29.47 -8.02
C ASP A 363 -10.14 -29.25 -9.35
N ARG A 364 -8.82 -29.08 -9.34
CA ARG A 364 -8.07 -28.98 -10.58
C ARG A 364 -8.20 -30.27 -11.40
N PRO A 365 -8.55 -30.15 -12.68
CA PRO A 365 -8.82 -31.38 -13.47
C PRO A 365 -7.75 -32.46 -13.37
N GLN A 366 -6.49 -32.09 -13.40
CA GLN A 366 -5.42 -33.10 -13.41
C GLN A 366 -4.96 -33.56 -12.01
N MET A 367 -5.63 -33.08 -10.96
CA MET A 367 -5.30 -33.51 -9.61
C MET A 367 -6.05 -34.84 -9.33
N GLU A 368 -5.70 -35.84 -10.10
CA GLU A 368 -6.33 -37.16 -9.97
C GLU A 368 -5.44 -38.19 -10.64
N LYS A 369 -5.75 -39.45 -10.43
CA LYS A 369 -5.02 -40.49 -11.11
C LYS A 369 -5.93 -41.71 -11.22
N ASP A 370 -5.95 -42.33 -12.39
CA ASP A 370 -6.83 -43.48 -12.62
C ASP A 370 -8.27 -43.17 -12.25
N GLY A 371 -8.71 -41.95 -12.52
CA GLY A 371 -10.11 -41.55 -12.29
C GLY A 371 -10.43 -41.25 -10.84
N LEU A 372 -9.45 -41.43 -9.97
CA LEU A 372 -9.62 -41.13 -8.56
C LEU A 372 -9.05 -39.73 -8.22
N ARG A 373 -9.89 -38.82 -7.74
CA ARG A 373 -9.41 -37.50 -7.24
C ARG A 373 -8.42 -37.65 -6.10
N ASP A 374 -7.35 -36.85 -6.08
CA ASP A 374 -6.50 -36.82 -4.85
C ASP A 374 -7.35 -36.47 -3.62
N ILE A 375 -8.19 -35.45 -3.80
CA ILE A 375 -9.02 -34.86 -2.74
C ILE A 375 -10.41 -34.66 -3.29
N ASP A 376 -11.38 -35.21 -2.58
CA ASP A 376 -12.79 -35.23 -2.99
C ASP A 376 -13.59 -34.08 -2.41
N ALA A 377 -13.17 -33.59 -1.25
CA ALA A 377 -13.85 -32.44 -0.64
C ALA A 377 -12.92 -31.69 0.31
N VAL A 378 -13.16 -30.38 0.39
CA VAL A 378 -12.42 -29.46 1.24
C VAL A 378 -13.45 -28.58 1.95
N ILE A 379 -13.43 -28.60 3.27
CA ILE A 379 -14.27 -27.71 4.07
C ILE A 379 -13.37 -26.80 4.85
N THR A 380 -13.76 -25.55 4.94
CA THR A 380 -13.01 -24.58 5.73
C THR A 380 -13.16 -24.83 7.23
N THR A 381 -12.28 -24.20 7.99
CA THR A 381 -12.49 -24.13 9.43
C THR A 381 -13.91 -23.76 9.85
N ARG A 382 -14.45 -22.73 9.22
CA ARG A 382 -15.83 -22.29 9.46
C ARG A 382 -16.87 -23.39 9.17
N GLU A 383 -16.68 -24.08 8.05
CA GLU A 383 -17.59 -25.15 7.68
C GLU A 383 -17.54 -26.27 8.69
N LEU A 384 -16.35 -26.60 9.19
CA LEU A 384 -16.24 -27.69 10.14
C LEU A 384 -16.96 -27.25 11.44
N ALA A 385 -16.66 -26.04 11.90
CA ALA A 385 -17.34 -25.48 13.07
C ALA A 385 -18.86 -25.62 12.94
N LYS A 386 -19.39 -25.28 11.78
CA LYS A 386 -20.82 -25.34 11.55
C LYS A 386 -21.34 -26.81 11.58
N MET A 387 -20.61 -27.73 10.93
CA MET A 387 -20.98 -29.16 11.03
C MET A 387 -21.00 -29.66 12.47
N ILE A 388 -20.02 -29.26 13.26
CA ILE A 388 -19.99 -29.63 14.65
C ILE A 388 -21.20 -29.09 15.44
N LYS A 389 -21.49 -27.79 15.27
CA LYS A 389 -22.64 -27.17 15.93
C LYS A 389 -23.99 -27.77 15.52
N ASP A 390 -24.17 -28.01 14.22
CA ASP A 390 -25.39 -28.64 13.71
C ASP A 390 -25.57 -30.05 14.28
N ALA A 391 -24.48 -30.74 14.55
CA ALA A 391 -24.59 -32.08 15.12
C ALA A 391 -24.74 -32.07 16.65
N LYS A 392 -24.72 -30.87 17.22
CA LYS A 392 -24.81 -30.65 18.67
C LYS A 392 -23.71 -31.37 19.43
N ILE A 393 -22.50 -31.30 18.91
CA ILE A 393 -21.37 -31.88 19.59
C ILE A 393 -20.84 -30.82 20.56
N PRO A 394 -20.66 -31.18 21.85
CA PRO A 394 -20.22 -30.19 22.84
C PRO A 394 -18.71 -30.00 22.83
N PHE A 395 -18.24 -29.32 21.78
CA PHE A 395 -16.81 -29.28 21.47
C PHE A 395 -15.88 -28.86 22.63
N ALA A 396 -16.19 -27.76 23.31
CA ALA A 396 -15.38 -27.32 24.44
C ALA A 396 -15.31 -28.39 25.54
N LYS A 397 -16.31 -29.27 25.61
CA LYS A 397 -16.35 -30.31 26.65
C LYS A 397 -15.73 -31.66 26.25
N LEU A 398 -15.48 -31.88 24.97
CA LEU A 398 -14.95 -33.15 24.51
C LEU A 398 -13.61 -33.51 25.10
N GLU A 399 -13.39 -34.81 25.23
CA GLU A 399 -12.11 -35.36 25.65
C GLU A 399 -11.16 -35.52 24.45
N ASP A 400 -9.85 -35.45 24.71
CA ASP A 400 -8.86 -35.63 23.66
C ASP A 400 -8.75 -37.07 23.24
N SER A 401 -8.66 -37.26 21.93
CA SER A 401 -8.30 -38.51 21.33
C SER A 401 -7.14 -38.27 20.37
N GLU A 402 -6.69 -39.36 19.75
CA GLU A 402 -5.51 -39.35 18.91
C GLU A 402 -5.92 -39.58 17.49
N ALA A 403 -5.08 -39.14 16.56
CA ALA A 403 -5.27 -39.49 15.17
C ALA A 403 -4.88 -40.96 14.94
N ASP A 404 -5.45 -41.57 13.92
CA ASP A 404 -4.99 -42.86 13.41
C ASP A 404 -3.57 -42.64 12.82
N PRO A 405 -2.62 -43.51 13.21
CA PRO A 405 -1.22 -43.13 13.05
C PRO A 405 -0.67 -43.25 11.62
N ALA A 406 -1.22 -44.13 10.78
CA ALA A 406 -0.58 -44.46 9.50
C ALA A 406 -0.36 -43.22 8.60
N MET A 407 -1.31 -42.28 8.66
CA MET A 407 -1.18 -41.02 7.89
C MET A 407 -1.59 -39.85 8.79
N GLY A 408 -1.30 -40.00 10.08
CA GLY A 408 -1.76 -39.07 11.11
C GLY A 408 -0.65 -38.56 12.01
N GLU A 409 0.45 -39.31 12.08
CA GLU A 409 1.63 -38.83 12.80
C GLU A 409 2.19 -37.60 12.09
N TYR A 410 2.70 -36.65 12.88
CA TYR A 410 3.51 -35.59 12.28
C TYR A 410 4.62 -35.10 13.19
N SER A 411 5.63 -34.52 12.55
CA SER A 411 6.77 -33.93 13.22
C SER A 411 6.54 -32.44 13.47
N GLY A 412 7.43 -31.83 14.24
CA GLY A 412 7.33 -30.41 14.53
C GLY A 412 7.52 -29.56 13.28
N ALA A 413 8.25 -30.08 12.31
CA ALA A 413 8.47 -29.38 11.06
C ALA A 413 7.14 -29.21 10.31
N GLY A 414 6.37 -30.28 10.21
CA GLY A 414 5.05 -30.20 9.60
C GLY A 414 4.09 -29.29 10.36
N ALA A 415 4.21 -29.33 11.69
CA ALA A 415 3.34 -28.59 12.57
C ALA A 415 3.39 -27.07 12.34
N ILE A 416 4.56 -26.52 12.00
CA ILE A 416 4.68 -25.07 11.86
C ILE A 416 4.37 -24.57 10.43
N PHE A 417 3.96 -25.46 9.54
CA PHE A 417 3.60 -25.07 8.17
C PHE A 417 2.64 -23.90 8.08
N GLY A 418 1.73 -23.82 9.04
CA GLY A 418 0.69 -22.83 9.05
C GLY A 418 1.07 -21.38 9.23
N ALA A 419 2.33 -21.13 9.63
CA ALA A 419 2.83 -19.78 9.86
C ALA A 419 3.78 -19.42 8.72
N THR A 420 3.77 -18.13 8.31
CA THR A 420 4.75 -17.62 7.37
C THR A 420 6.18 -17.94 7.83
N GLY A 421 6.96 -18.53 6.92
CA GLY A 421 8.30 -19.03 7.24
C GLY A 421 8.32 -20.49 7.75
N GLY A 422 7.15 -21.05 8.01
CA GLY A 422 7.05 -22.45 8.45
C GLY A 422 7.60 -23.44 7.46
N VAL A 423 7.15 -23.33 6.20
CA VAL A 423 7.61 -24.23 5.18
C VAL A 423 9.11 -24.09 5.00
N MET A 424 9.56 -22.82 4.96
CA MET A 424 11.00 -22.58 4.83
C MET A 424 11.79 -23.24 5.94
N GLU A 425 11.38 -23.03 7.18
CA GLU A 425 12.11 -23.59 8.32
C GLU A 425 12.10 -25.16 8.29
N ALA A 426 10.92 -25.72 8.09
CA ALA A 426 10.77 -27.15 7.96
C ALA A 426 11.64 -27.72 6.81
N ALA A 427 11.69 -27.04 5.67
CA ALA A 427 12.42 -27.56 4.50
C ALA A 427 13.93 -27.51 4.78
N LEU A 428 14.36 -26.44 5.44
CA LEU A 428 15.79 -26.28 5.76
C LEU A 428 16.26 -27.34 6.76
N ARG A 429 15.42 -27.70 7.74
CA ARG A 429 15.75 -28.74 8.69
C ARG A 429 16.06 -30.07 7.98
N SER A 430 15.28 -30.39 6.95
CA SER A 430 15.54 -31.60 6.20
C SER A 430 16.64 -31.38 5.15
N ALA A 431 16.65 -30.26 4.44
CA ALA A 431 17.64 -30.10 3.36
C ALA A 431 19.08 -30.13 3.92
N LYS A 432 19.27 -29.57 5.12
CA LYS A 432 20.61 -29.48 5.72
C LYS A 432 21.10 -30.89 6.05
N ASP A 433 20.22 -31.70 6.64
CA ASP A 433 20.51 -33.11 6.93
C ASP A 433 20.78 -33.90 5.67
N PHE A 434 19.90 -33.83 4.68
CA PHE A 434 20.10 -34.56 3.44
C PHE A 434 21.46 -34.21 2.82
N ALA A 435 21.71 -32.92 2.62
CA ALA A 435 22.90 -32.47 1.90
C ALA A 435 24.23 -32.81 2.61
N GLU A 436 24.26 -32.73 3.93
CA GLU A 436 25.50 -32.92 4.68
C GLU A 436 25.61 -34.36 5.23
N ASN A 437 24.64 -35.19 4.87
CA ASN A 437 24.45 -36.51 5.48
C ASN A 437 24.72 -36.53 6.99
N ALA A 438 23.94 -35.74 7.72
CA ALA A 438 24.07 -35.68 9.18
C ALA A 438 22.73 -35.52 9.86
N GLU A 439 22.77 -35.52 11.18
CA GLU A 439 21.57 -35.33 11.97
C GLU A 439 21.88 -34.16 12.87
N LEU A 440 21.69 -32.97 12.32
CA LEU A 440 22.07 -31.73 12.97
C LEU A 440 21.15 -31.40 14.12
N GLU A 441 21.70 -30.69 15.10
CA GLU A 441 20.97 -30.39 16.32
C GLU A 441 20.37 -28.98 16.30
N ASP A 442 21.03 -28.03 15.63
CA ASP A 442 20.48 -26.68 15.60
C ASP A 442 19.52 -26.61 14.41
N ILE A 443 18.24 -26.51 14.74
CA ILE A 443 17.19 -26.65 13.74
C ILE A 443 16.24 -25.47 13.72
N GLU A 444 16.44 -24.48 14.59
CA GLU A 444 15.52 -23.38 14.67
C GLU A 444 16.03 -22.24 13.77
N TYR A 445 15.20 -21.82 12.81
CA TYR A 445 15.59 -20.76 11.90
C TYR A 445 14.73 -19.53 12.18
N LYS A 446 15.01 -18.88 13.29
CA LYS A 446 14.15 -17.81 13.73
C LYS A 446 14.16 -16.63 12.78
N GLN A 447 15.18 -16.52 11.93
CA GLN A 447 15.30 -15.36 11.05
C GLN A 447 14.19 -15.35 9.99
N VAL A 448 13.54 -16.49 9.73
CA VAL A 448 12.53 -16.56 8.64
C VAL A 448 11.14 -16.47 9.22
N ARG A 449 11.07 -16.36 10.54
CA ARG A 449 9.80 -16.27 11.24
C ARG A 449 9.23 -14.84 11.37
N GLY A 450 7.94 -14.76 11.70
CA GLY A 450 7.29 -13.50 12.03
C GLY A 450 6.66 -12.71 10.88
N LEU A 451 6.20 -11.49 11.19
CA LEU A 451 5.26 -10.84 10.31
C LEU A 451 5.84 -9.82 9.32
N ASN A 452 7.15 -9.63 9.31
CA ASN A 452 7.74 -8.80 8.27
C ASN A 452 7.30 -9.36 6.91
N GLY A 453 7.01 -8.43 5.99
CA GLY A 453 6.43 -8.77 4.69
C GLY A 453 7.34 -9.57 3.77
N ILE A 454 8.63 -9.26 3.85
CA ILE A 454 9.68 -9.92 3.05
C ILE A 454 10.81 -10.18 4.01
N LYS A 455 11.19 -11.46 4.15
CA LYS A 455 12.22 -11.86 5.10
C LYS A 455 13.29 -12.66 4.36
N GLU A 456 14.54 -12.47 4.71
CA GLU A 456 15.58 -13.24 4.03
C GLU A 456 16.59 -13.73 5.02
N ALA A 457 17.36 -14.73 4.60
CA ALA A 457 18.40 -15.31 5.41
C ALA A 457 19.44 -15.98 4.53
N GLU A 458 20.67 -15.95 5.01
CA GLU A 458 21.76 -16.71 4.41
C GLU A 458 21.90 -17.97 5.22
N VAL A 459 21.96 -19.09 4.52
CA VAL A 459 22.14 -20.36 5.19
C VAL A 459 23.32 -21.09 4.59
N GLU A 460 24.06 -21.77 5.45
CA GLU A 460 25.18 -22.59 5.04
C GLU A 460 24.74 -24.06 4.85
N ILE A 461 24.91 -24.58 3.64
CA ILE A 461 24.67 -25.98 3.39
C ILE A 461 25.91 -26.58 2.73
N ASN A 462 26.66 -27.34 3.54
CA ASN A 462 27.82 -28.09 3.06
C ASN A 462 28.87 -27.23 2.35
N ASN A 463 29.44 -26.28 3.09
CA ASN A 463 30.56 -25.46 2.61
C ASN A 463 30.13 -24.36 1.64
N ASN A 464 28.84 -24.25 1.33
CA ASN A 464 28.39 -23.13 0.52
C ASN A 464 27.28 -22.34 1.19
N LYS A 465 27.26 -21.05 0.86
CA LYS A 465 26.23 -20.14 1.36
C LYS A 465 25.11 -20.10 0.37
N TYR A 466 23.88 -20.17 0.89
CA TYR A 466 22.73 -20.06 0.02
C TYR A 466 21.83 -18.96 0.53
N ASN A 467 21.08 -18.37 -0.37
CA ASN A 467 20.18 -17.26 -0.01
C ASN A 467 18.73 -17.72 -0.05
N VAL A 468 18.01 -17.54 1.04
CA VAL A 468 16.57 -17.88 1.02
C VAL A 468 15.75 -16.63 1.27
N ALA A 469 14.51 -16.65 0.79
CA ALA A 469 13.55 -15.61 1.08
C ALA A 469 12.20 -16.19 1.41
N VAL A 470 11.50 -15.47 2.27
CA VAL A 470 10.15 -15.78 2.65
C VAL A 470 9.30 -14.55 2.33
N ILE A 471 8.40 -14.73 1.36
CA ILE A 471 7.44 -13.72 0.98
C ILE A 471 6.12 -13.99 1.71
N ASN A 472 5.67 -13.01 2.46
CA ASN A 472 4.61 -13.13 3.42
C ASN A 472 3.45 -12.25 2.98
N GLY A 473 2.53 -12.78 2.15
CA GLY A 473 1.48 -11.96 1.60
C GLY A 473 1.65 -11.78 0.09
N ALA A 474 0.55 -11.86 -0.64
CA ALA A 474 0.55 -11.78 -2.09
C ALA A 474 0.99 -10.35 -2.55
N SER A 475 0.61 -9.36 -1.76
CA SER A 475 1.06 -7.96 -2.09
C SER A 475 2.57 -7.85 -1.99
N ASN A 476 3.17 -8.60 -1.09
CA ASN A 476 4.61 -8.60 -0.92
C ASN A 476 5.34 -9.40 -1.99
N LEU A 477 4.65 -10.34 -2.61
CA LEU A 477 5.19 -10.98 -3.80
C LEU A 477 5.34 -9.93 -4.91
N PHE A 478 4.28 -9.22 -5.22
CA PHE A 478 4.35 -8.15 -6.18
C PHE A 478 5.49 -7.13 -5.82
N LYS A 479 5.59 -6.73 -4.54
CA LYS A 479 6.68 -5.79 -4.16
C LYS A 479 8.07 -6.37 -4.44
N PHE A 480 8.25 -7.62 -4.01
CA PHE A 480 9.51 -8.31 -4.15
C PHE A 480 9.94 -8.41 -5.60
N MET A 481 8.96 -8.63 -6.49
CA MET A 481 9.29 -8.77 -7.90
C MET A 481 9.41 -7.38 -8.53
N LYS A 482 8.40 -6.52 -8.33
CA LYS A 482 8.35 -5.24 -9.07
C LYS A 482 9.47 -4.30 -8.66
N SER A 483 9.88 -4.35 -7.40
CA SER A 483 10.98 -3.49 -6.94
C SER A 483 12.37 -3.98 -7.39
N GLY A 484 12.43 -5.19 -7.96
CA GLY A 484 13.68 -5.81 -8.38
C GLY A 484 14.47 -6.42 -7.24
N MET A 485 13.86 -6.54 -6.04
CA MET A 485 14.55 -7.15 -4.89
C MET A 485 15.06 -8.53 -5.30
N ILE A 486 14.34 -9.14 -6.21
CA ILE A 486 14.67 -10.50 -6.64
C ILE A 486 16.01 -10.51 -7.38
N ASN A 487 16.46 -9.32 -7.78
CA ASN A 487 17.69 -9.24 -8.52
C ASN A 487 18.86 -8.71 -7.72
N GLU A 488 18.68 -8.45 -6.43
CA GLU A 488 19.84 -8.00 -5.62
C GLU A 488 20.85 -9.10 -5.34
N LYS A 489 20.43 -10.35 -5.43
CA LYS A 489 21.34 -11.46 -5.19
C LYS A 489 20.75 -12.70 -5.85
N GLN A 490 21.52 -13.79 -5.93
CA GLN A 490 20.93 -15.03 -6.44
C GLN A 490 20.19 -15.69 -5.29
N TYR A 491 18.87 -15.75 -5.41
CA TYR A 491 18.08 -16.57 -4.48
C TYR A 491 18.03 -18.03 -4.95
N HIS A 492 18.12 -18.91 -3.98
CA HIS A 492 18.15 -20.36 -4.21
C HIS A 492 16.78 -20.99 -3.87
N PHE A 493 16.14 -20.51 -2.79
CA PHE A 493 14.88 -21.11 -2.34
C PHE A 493 13.96 -20.02 -1.76
N ILE A 494 12.76 -19.89 -2.32
CA ILE A 494 11.82 -18.84 -1.90
C ILE A 494 10.46 -19.41 -1.50
N GLU A 495 10.05 -19.17 -0.26
CA GLU A 495 8.67 -19.47 0.18
C GLU A 495 7.75 -18.32 -0.18
N VAL A 496 6.59 -18.61 -0.79
CA VAL A 496 5.54 -17.59 -0.95
C VAL A 496 4.23 -18.07 -0.33
N MET A 497 3.65 -17.25 0.55
CA MET A 497 2.26 -17.42 1.04
C MET A 497 1.38 -16.25 0.58
N ALA A 498 0.16 -16.51 0.12
CA ALA A 498 -0.70 -15.45 -0.38
C ALA A 498 -1.31 -14.61 0.77
N CYS A 499 -1.53 -15.23 1.92
CA CYS A 499 -2.14 -14.61 3.09
C CYS A 499 -1.05 -14.14 4.05
N HIS A 500 -1.06 -12.85 4.33
CA HIS A 500 -0.14 -12.31 5.30
C HIS A 500 -0.33 -12.97 6.69
N GLY A 501 0.77 -13.50 7.24
CA GLY A 501 0.75 -14.29 8.45
C GLY A 501 0.87 -15.77 8.14
N GLY A 502 0.66 -16.15 6.87
CA GLY A 502 0.62 -17.57 6.47
C GLY A 502 -0.80 -18.08 6.61
N CYS A 503 -0.96 -19.39 6.53
CA CYS A 503 -2.27 -19.99 6.53
C CYS A 503 -3.10 -19.71 7.79
N VAL A 504 -2.44 -19.41 8.91
CA VAL A 504 -3.22 -19.08 10.10
C VAL A 504 -4.15 -17.89 9.86
N ASN A 505 -3.81 -17.03 8.89
CA ASN A 505 -4.68 -15.95 8.48
C ASN A 505 -5.42 -16.20 7.17
N GLY A 506 -5.73 -17.47 6.86
CA GLY A 506 -6.39 -17.81 5.60
C GLY A 506 -7.82 -17.36 5.49
N GLY A 507 -8.33 -17.43 4.26
CA GLY A 507 -9.63 -16.95 3.90
C GLY A 507 -10.75 -17.81 4.38
N GLY A 508 -10.40 -18.97 4.94
CA GLY A 508 -11.35 -19.94 5.45
C GLY A 508 -11.45 -19.91 6.96
N GLN A 509 -10.79 -18.93 7.53
CA GLN A 509 -10.67 -18.89 8.99
C GLN A 509 -11.86 -18.21 9.67
N PRO A 510 -11.97 -18.37 10.98
CA PRO A 510 -13.03 -17.72 11.73
C PRO A 510 -12.97 -16.20 11.57
N HIS A 511 -14.09 -15.54 11.37
CA HIS A 511 -14.07 -14.08 11.41
C HIS A 511 -13.76 -13.64 12.84
N VAL A 512 -13.10 -12.48 12.93
CA VAL A 512 -12.74 -11.87 14.21
C VAL A 512 -13.30 -10.44 14.15
N ASN A 513 -14.04 -10.08 15.19
CA ASN A 513 -14.62 -8.73 15.29
C ASN A 513 -13.49 -7.68 15.28
N PRO A 514 -13.63 -6.60 14.47
CA PRO A 514 -12.59 -5.55 14.43
C PRO A 514 -12.15 -5.08 15.84
N LYS A 515 -13.05 -5.13 16.83
CA LYS A 515 -12.69 -4.76 18.20
C LYS A 515 -11.67 -5.73 18.76
N ASP A 516 -11.93 -7.03 18.64
CA ASP A 516 -10.99 -8.03 19.10
C ASP A 516 -9.66 -7.93 18.38
N LEU A 517 -9.69 -7.53 17.11
CA LEU A 517 -8.45 -7.37 16.35
C LEU A 517 -7.58 -6.29 16.98
N GLU A 518 -8.23 -5.36 17.68
CA GLU A 518 -7.51 -4.27 18.33
C GLU A 518 -6.82 -4.81 19.57
N LYS A 519 -7.44 -5.80 20.20
CA LYS A 519 -6.88 -6.42 21.40
C LYS A 519 -5.83 -7.54 21.13
N VAL A 520 -6.08 -8.37 20.12
CA VAL A 520 -5.30 -9.59 19.86
C VAL A 520 -4.56 -9.51 18.54
N ASP A 521 -3.26 -9.82 18.50
CA ASP A 521 -2.66 -10.05 17.18
C ASP A 521 -2.96 -11.50 16.79
N ILE A 522 -3.98 -11.63 15.95
CA ILE A 522 -4.54 -12.90 15.65
C ILE A 522 -3.47 -13.73 14.92
N LYS A 523 -2.61 -13.08 14.14
CA LYS A 523 -1.69 -13.87 13.30
C LYS A 523 -0.64 -14.52 14.18
N LYS A 524 -0.18 -13.78 15.19
CA LYS A 524 0.86 -14.24 16.08
C LYS A 524 0.30 -15.24 17.08
N VAL A 525 -0.91 -15.01 17.56
CA VAL A 525 -1.49 -15.87 18.59
C VAL A 525 -1.83 -17.20 17.96
N ARG A 526 -2.38 -17.18 16.74
CA ARG A 526 -2.65 -18.46 16.08
C ARG A 526 -1.32 -19.21 15.82
N ALA A 527 -0.32 -18.53 15.27
CA ALA A 527 0.94 -19.18 14.97
C ALA A 527 1.57 -19.76 16.23
N SER A 528 1.36 -19.12 17.37
CA SER A 528 2.06 -19.49 18.60
C SER A 528 1.73 -20.94 18.96
N VAL A 529 0.49 -21.34 18.68
CA VAL A 529 0.06 -22.74 18.93
C VAL A 529 0.92 -23.73 18.16
N LEU A 530 1.26 -23.37 16.93
CA LEU A 530 2.00 -24.27 16.07
C LEU A 530 3.45 -24.38 16.52
N TYR A 531 4.06 -23.23 16.81
CA TYR A 531 5.44 -23.22 17.25
C TYR A 531 5.56 -23.94 18.62
N ASN A 532 4.56 -23.76 19.49
CA ASN A 532 4.56 -24.48 20.76
C ASN A 532 4.52 -26.02 20.53
N GLN A 533 3.75 -26.49 19.56
CA GLN A 533 3.71 -27.92 19.26
C GLN A 533 5.10 -28.37 18.83
N ASP A 534 5.71 -27.57 17.95
CA ASP A 534 7.03 -27.89 17.44
C ASP A 534 8.04 -28.03 18.61
N GLU A 535 7.89 -27.17 19.59
CA GLU A 535 8.84 -27.14 20.75
C GLU A 535 8.72 -28.42 21.59
N HIS A 536 7.51 -28.97 21.66
CA HIS A 536 7.19 -30.09 22.55
C HIS A 536 7.05 -31.44 21.88
N LEU A 537 7.30 -31.49 20.58
CA LEU A 537 7.28 -32.73 19.84
C LEU A 537 8.68 -33.35 19.92
N SER A 538 8.74 -34.67 20.06
CA SER A 538 10.01 -35.38 20.15
C SER A 538 10.70 -35.41 18.80
N LYS A 539 9.94 -35.59 17.73
CA LYS A 539 10.46 -35.50 16.37
C LYS A 539 10.20 -34.06 15.80
N ARG A 540 11.25 -33.40 15.34
CA ARG A 540 11.10 -32.03 14.84
C ARG A 540 11.61 -31.89 13.42
N LYS A 541 11.79 -33.03 12.74
CA LYS A 541 12.18 -33.04 11.34
C LYS A 541 11.26 -33.95 10.61
N SER A 542 10.86 -33.55 9.41
CA SER A 542 9.88 -34.36 8.66
C SER A 542 10.37 -35.76 8.43
N HIS A 543 11.64 -35.91 8.11
CA HIS A 543 12.16 -37.23 7.76
C HIS A 543 12.36 -38.10 9.01
N GLU A 544 12.04 -37.59 10.20
CA GLU A 544 12.05 -38.38 11.43
C GLU A 544 10.67 -38.95 11.76
N ASN A 545 9.66 -38.61 10.94
CA ASN A 545 8.29 -39.06 11.13
C ASN A 545 8.26 -40.58 10.85
N THR A 546 7.99 -41.37 11.86
CA THR A 546 8.19 -42.84 11.72
C THR A 546 7.16 -43.46 10.79
N ALA A 547 5.92 -43.00 10.86
CA ALA A 547 4.91 -43.45 9.93
C ALA A 547 5.21 -43.09 8.50
N LEU A 548 5.72 -41.87 8.29
CA LEU A 548 6.09 -41.49 6.96
C LEU A 548 7.25 -42.32 6.43
N VAL A 549 8.28 -42.50 7.26
CA VAL A 549 9.41 -43.32 6.85
C VAL A 549 8.98 -44.77 6.48
N LYS A 550 8.09 -45.37 7.26
CA LYS A 550 7.60 -46.72 6.87
C LYS A 550 6.89 -46.66 5.51
N MET A 551 6.21 -45.54 5.25
CA MET A 551 5.44 -45.42 4.01
C MET A 551 6.38 -45.36 2.82
N TYR A 552 7.49 -44.62 2.97
CA TYR A 552 8.41 -44.54 1.86
C TYR A 552 9.15 -45.87 1.69
N GLN A 553 9.64 -46.44 2.79
CA GLN A 553 10.35 -47.74 2.74
C GLN A 553 9.54 -48.85 2.08
N ASN A 554 8.25 -48.90 2.42
CA ASN A 554 7.39 -50.01 2.00
C ASN A 554 6.66 -49.73 0.74
N TYR A 555 6.49 -48.46 0.34
CA TYR A 555 5.64 -48.21 -0.81
C TYR A 555 6.24 -47.27 -1.86
N PHE A 556 6.71 -46.10 -1.45
CA PHE A 556 7.10 -45.09 -2.47
C PHE A 556 8.56 -45.19 -2.93
N GLY A 557 9.44 -45.73 -2.09
CA GLY A 557 10.85 -45.82 -2.41
C GLY A 557 11.57 -44.53 -2.07
N LYS A 558 12.51 -44.13 -2.92
CA LYS A 558 13.30 -42.94 -2.63
C LYS A 558 12.50 -41.68 -3.00
N PRO A 559 12.40 -40.71 -2.07
CA PRO A 559 11.75 -39.45 -2.50
C PRO A 559 12.50 -38.78 -3.63
N GLY A 560 11.72 -38.09 -4.46
CA GLY A 560 12.26 -37.16 -5.43
C GLY A 560 12.75 -37.82 -6.68
N GLU A 561 12.46 -39.11 -6.81
CA GLU A 561 12.76 -39.82 -8.03
C GLU A 561 11.85 -41.01 -8.13
N GLY A 562 11.91 -41.64 -9.30
CA GLY A 562 11.18 -42.84 -9.59
C GLY A 562 9.70 -42.71 -9.31
N ARG A 563 9.22 -43.71 -8.58
CA ARG A 563 7.83 -43.79 -8.19
C ARG A 563 7.36 -42.53 -7.44
N ALA A 564 8.17 -42.08 -6.50
CA ALA A 564 7.80 -40.95 -5.68
C ALA A 564 7.60 -39.76 -6.61
N HIS A 565 8.54 -39.54 -7.54
CA HIS A 565 8.42 -38.39 -8.44
C HIS A 565 7.20 -38.55 -9.38
N GLU A 566 6.89 -39.77 -9.82
CA GLU A 566 5.81 -39.92 -10.78
C GLU A 566 4.43 -39.70 -10.14
N ILE A 567 4.31 -40.03 -8.86
CA ILE A 567 3.02 -40.06 -8.19
C ILE A 567 2.76 -38.76 -7.42
N LEU A 568 3.78 -38.28 -6.73
CA LEU A 568 3.59 -37.30 -5.67
C LEU A 568 3.94 -35.91 -6.16
N HIS A 569 4.26 -35.77 -7.44
CA HIS A 569 4.66 -34.44 -7.99
C HIS A 569 3.70 -33.94 -9.03
N PHE A 570 3.78 -32.65 -9.32
CA PHE A 570 2.85 -32.01 -10.22
C PHE A 570 3.54 -30.77 -10.76
N LYS A 571 3.58 -30.62 -12.07
CA LYS A 571 4.09 -29.37 -12.66
C LYS A 571 2.97 -28.57 -13.33
N TYR A 572 3.02 -27.25 -13.22
CA TYR A 572 2.00 -26.42 -13.86
C TYR A 572 2.49 -25.97 -15.24
N LYS B 2 3.82 -2.82 27.82
CA LYS B 2 3.76 -2.99 29.26
C LYS B 2 5.06 -2.50 29.90
N THR B 3 5.85 -3.39 30.50
CA THR B 3 7.03 -2.95 31.24
C THR B 3 8.32 -3.40 30.53
N ILE B 4 9.15 -2.42 30.18
CA ILE B 4 10.41 -2.69 29.50
C ILE B 4 11.50 -1.73 29.96
N ILE B 5 12.75 -2.11 29.73
CA ILE B 5 13.89 -1.28 30.11
C ILE B 5 14.71 -0.85 28.90
N ILE B 6 14.89 0.47 28.76
CA ILE B 6 15.74 0.99 27.70
C ILE B 6 16.84 1.85 28.29
N ASN B 7 18.06 1.33 28.20
CA ASN B 7 19.24 2.02 28.70
C ASN B 7 19.10 2.31 30.17
N GLY B 8 18.70 1.29 30.92
CA GLY B 8 18.45 1.42 32.34
C GLY B 8 17.38 2.47 32.63
N VAL B 9 16.20 2.30 32.02
CA VAL B 9 15.03 3.10 32.37
C VAL B 9 13.79 2.26 32.11
N GLN B 10 13.04 2.02 33.18
CA GLN B 10 11.82 1.22 33.08
C GLN B 10 10.77 2.02 32.33
N PHE B 11 9.91 1.31 31.59
CA PHE B 11 8.93 1.98 30.76
C PHE B 11 7.61 1.26 30.81
N ASN B 12 6.57 2.06 30.92
CA ASN B 12 5.19 1.60 31.05
C ASN B 12 4.46 1.92 29.75
N THR B 13 3.82 0.95 29.14
CA THR B 13 3.16 1.21 27.86
C THR B 13 2.26 0.08 27.42
N ASP B 14 1.21 0.47 26.69
CA ASP B 14 0.20 -0.44 26.17
C ASP B 14 0.44 -0.64 24.68
N GLU B 15 1.05 0.37 24.05
CA GLU B 15 1.36 0.38 22.62
C GLU B 15 2.02 -0.88 22.11
N ASP B 16 1.56 -1.33 20.94
CA ASP B 16 2.23 -2.41 20.22
C ASP B 16 2.95 -1.77 19.04
N THR B 17 4.21 -1.41 19.24
CA THR B 17 5.00 -0.74 18.22
C THR B 17 6.44 -1.27 18.18
N THR B 18 7.25 -0.76 17.25
CA THR B 18 8.64 -1.19 17.13
C THR B 18 9.47 -0.46 18.17
N ILE B 19 10.64 -1.03 18.46
CA ILE B 19 11.60 -0.40 19.34
C ILE B 19 12.00 0.98 18.82
N LEU B 20 12.17 1.10 17.51
CA LEU B 20 12.55 2.40 16.95
C LEU B 20 11.50 3.48 17.20
N LYS B 21 10.25 3.18 16.84
CA LYS B 21 9.16 4.14 17.03
C LYS B 21 8.97 4.53 18.51
N PHE B 22 8.98 3.52 19.38
CA PHE B 22 8.86 3.80 20.80
C PHE B 22 10.01 4.67 21.32
N ALA B 23 11.21 4.35 20.84
CA ALA B 23 12.39 5.10 21.26
C ALA B 23 12.33 6.54 20.83
N ARG B 24 12.01 6.79 19.56
CA ARG B 24 11.97 8.13 19.02
CA ARG B 24 12.00 8.16 19.09
C ARG B 24 10.76 8.89 19.56
N ASP B 25 9.83 8.15 20.18
CA ASP B 25 8.64 8.76 20.79
C ASP B 25 8.93 9.19 22.22
N ASN B 26 10.02 8.67 22.79
CA ASN B 26 10.40 8.95 24.19
C ASN B 26 11.79 9.58 24.25
N ASN B 27 12.07 10.42 23.26
CA ASN B 27 13.37 11.08 23.06
C ASN B 27 14.60 10.25 23.44
N ILE B 28 14.63 9.01 22.95
CA ILE B 28 15.80 8.15 23.01
C ILE B 28 16.43 8.09 21.62
N ASP B 29 17.70 8.47 21.50
CA ASP B 29 18.35 8.42 20.19
C ASP B 29 18.57 6.98 19.71
N ILE B 30 17.93 6.64 18.60
CA ILE B 30 18.31 5.47 17.83
C ILE B 30 18.44 5.94 16.37
N SER B 31 19.62 5.74 15.82
CA SER B 31 19.88 6.02 14.41
C SER B 31 19.14 5.04 13.48
N ALA B 32 18.89 5.49 12.26
CA ALA B 32 18.22 4.73 11.25
C ALA B 32 18.69 5.32 9.96
N LEU B 33 18.66 4.54 8.90
CA LEU B 33 19.04 5.09 7.59
C LEU B 33 18.02 4.58 6.56
N CYS B 34 17.87 3.28 6.44
CA CYS B 34 17.07 2.77 5.33
C CYS B 34 15.56 2.80 5.66
N PHE B 35 15.22 3.05 6.92
CA PHE B 35 13.82 3.12 7.36
C PHE B 35 13.19 4.48 7.01
N LEU B 36 12.13 4.44 6.21
CA LEU B 36 11.41 5.66 5.84
C LEU B 36 10.05 5.23 5.31
N ASN B 37 9.03 6.06 5.50
CA ASN B 37 7.71 5.77 4.97
C ASN B 37 7.18 4.43 5.54
N ASN B 38 7.47 4.17 6.83
CA ASN B 38 7.18 2.89 7.53
C ASN B 38 7.68 1.62 6.83
N CYS B 39 8.79 1.72 6.11
CA CYS B 39 9.39 0.64 5.35
C CYS B 39 10.87 0.66 5.60
N ASN B 40 11.51 -0.48 5.81
CA ASN B 40 12.98 -0.51 5.65
C ASN B 40 13.32 -1.30 4.40
N ASN B 41 14.60 -1.56 4.23
CA ASN B 41 15.14 -2.21 3.06
C ASN B 41 15.21 -3.69 3.36
N ASP B 42 14.16 -4.39 3.01
CA ASP B 42 13.99 -5.73 3.54
C ASP B 42 15.07 -6.74 3.20
N ILE B 43 15.67 -6.59 2.02
CA ILE B 43 16.67 -7.51 1.54
C ILE B 43 18.15 -7.21 1.84
N ASN B 44 18.54 -5.97 2.08
CA ASN B 44 19.90 -5.79 2.62
C ASN B 44 19.72 -4.66 3.61
N LYS B 45 19.09 -4.99 4.72
CA LYS B 45 18.82 -4.07 5.82
C LYS B 45 20.09 -3.31 6.20
N CYS B 46 20.01 -1.99 6.38
CA CYS B 46 21.24 -1.22 6.62
C CYS B 46 21.86 -1.55 7.99
N GLU B 47 21.02 -2.01 8.92
CA GLU B 47 21.41 -2.32 10.30
C GLU B 47 21.92 -1.15 11.11
N ILE B 48 21.74 0.06 10.59
CA ILE B 48 22.12 1.26 11.34
C ILE B 48 21.26 1.44 12.59
N CYS B 49 20.06 0.87 12.60
CA CYS B 49 19.19 0.94 13.78
C CYS B 49 19.39 -0.19 14.76
N THR B 50 20.58 -0.81 14.73
CA THR B 50 20.85 -1.94 15.60
C THR B 50 20.70 -1.55 17.08
N VAL B 51 20.12 -2.46 17.85
CA VAL B 51 20.14 -2.32 19.30
C VAL B 51 20.36 -3.70 19.86
N GLU B 52 20.69 -3.72 21.15
CA GLU B 52 20.95 -4.95 21.88
C GLU B 52 19.75 -5.27 22.72
N VAL B 53 19.23 -6.49 22.56
CA VAL B 53 18.19 -6.96 23.45
C VAL B 53 18.79 -8.09 24.30
N GLU B 54 18.96 -7.80 25.58
CA GLU B 54 19.58 -8.74 26.51
C GLU B 54 18.83 -10.05 26.48
N GLY B 55 19.56 -11.13 26.25
CA GLY B 55 18.98 -12.45 26.17
C GLY B 55 18.77 -12.91 24.73
N THR B 56 18.65 -11.95 23.82
CA THR B 56 18.42 -12.26 22.41
C THR B 56 19.63 -11.96 21.55
N GLY B 57 20.19 -10.77 21.72
CA GLY B 57 21.32 -10.32 20.92
C GLY B 57 21.07 -9.02 20.15
N LEU B 58 21.85 -8.80 19.10
CA LEU B 58 21.71 -7.59 18.27
C LEU B 58 20.46 -7.69 17.40
N VAL B 59 19.65 -6.64 17.42
CA VAL B 59 18.44 -6.61 16.60
C VAL B 59 18.30 -5.27 15.88
N THR B 60 17.51 -5.28 14.81
CA THR B 60 17.29 -4.04 14.05
C THR B 60 16.03 -3.44 14.60
N ALA B 61 16.17 -2.32 15.29
CA ALA B 61 15.08 -1.68 16.01
C ALA B 61 13.87 -1.28 15.12
N CYS B 62 14.15 -0.97 13.85
CA CYS B 62 13.11 -0.40 12.99
C CYS B 62 12.05 -1.40 12.62
N ASP B 63 12.35 -2.70 12.80
CA ASP B 63 11.36 -3.72 12.43
C ASP B 63 11.22 -4.79 13.52
N THR B 64 11.49 -4.39 14.75
CA THR B 64 11.42 -5.32 15.89
C THR B 64 10.45 -4.78 16.94
N LEU B 65 9.34 -5.47 17.16
CA LEU B 65 8.32 -5.01 18.12
C LEU B 65 8.82 -5.05 19.56
N ILE B 66 8.51 -4.03 20.34
CA ILE B 66 8.79 -4.10 21.76
C ILE B 66 7.99 -5.26 22.37
N GLU B 67 8.60 -5.97 23.32
CA GLU B 67 7.94 -7.04 24.07
C GLU B 67 8.03 -6.79 25.56
N ASP B 68 7.10 -7.35 26.32
CA ASP B 68 7.07 -7.16 27.77
C ASP B 68 8.35 -7.70 28.41
N GLY B 69 8.97 -6.86 29.23
CA GLY B 69 10.20 -7.25 29.90
C GLY B 69 11.31 -7.55 28.91
N MET B 70 11.62 -6.54 28.10
CA MET B 70 12.78 -6.54 27.24
C MET B 70 13.76 -5.62 27.91
N ILE B 71 15.03 -6.02 27.95
CA ILE B 71 16.09 -5.10 28.32
C ILE B 71 16.82 -4.72 27.04
N ILE B 72 16.82 -3.42 26.76
CA ILE B 72 17.36 -2.88 25.53
C ILE B 72 18.44 -1.87 25.84
N ASN B 73 19.64 -2.13 25.32
CA ASN B 73 20.69 -1.14 25.33
C ASN B 73 20.91 -0.66 23.91
N THR B 74 20.79 0.66 23.71
CA THR B 74 20.95 1.25 22.40
C THR B 74 22.37 1.71 22.16
N ASN B 75 23.25 1.50 23.14
CA ASN B 75 24.56 2.15 23.13
C ASN B 75 25.71 1.31 23.67
N SER B 76 25.52 0.01 23.73
CA SER B 76 26.58 -0.88 24.15
C SER B 76 27.70 -0.91 23.10
N ASP B 77 28.89 -1.35 23.50
CA ASP B 77 30.02 -1.35 22.60
C ASP B 77 29.71 -2.23 21.40
N ALA B 78 28.90 -3.26 21.61
CA ALA B 78 28.60 -4.22 20.56
C ALA B 78 27.64 -3.61 19.51
N VAL B 79 26.76 -2.72 19.99
CA VAL B 79 25.90 -1.91 19.13
C VAL B 79 26.71 -0.93 18.28
N ASN B 80 27.41 -0.02 18.94
CA ASN B 80 28.11 1.03 18.22
C ASN B 80 29.15 0.48 17.26
N GLU B 81 29.78 -0.64 17.60
CA GLU B 81 30.79 -1.16 16.70
C GLU B 81 30.10 -1.80 15.49
N LYS B 82 28.93 -2.39 15.70
CA LYS B 82 28.18 -2.94 14.57
C LYS B 82 27.80 -1.80 13.63
N ILE B 83 27.20 -0.75 14.18
CA ILE B 83 26.74 0.40 13.41
C ILE B 83 27.88 1.08 12.66
N LYS B 84 29.00 1.28 13.35
CA LYS B 84 30.16 1.96 12.77
C LYS B 84 30.72 1.17 11.60
N SER B 85 30.63 -0.14 11.74
CA SER B 85 31.08 -1.07 10.74
C SER B 85 30.26 -0.94 9.45
N ARG B 86 28.95 -0.85 9.63
CA ARG B 86 28.03 -0.74 8.51
C ARG B 86 28.28 0.55 7.77
N ILE B 87 28.48 1.62 8.53
CA ILE B 87 28.74 2.95 7.95
C ILE B 87 30.07 2.99 7.19
N SER B 88 31.06 2.27 7.74
CA SER B 88 32.35 2.11 7.13
C SER B 88 32.28 1.35 5.83
N GLN B 89 31.47 0.29 5.80
CA GLN B 89 31.23 -0.39 4.55
C GLN B 89 30.51 0.52 3.53
N LEU B 90 29.63 1.41 3.97
CA LEU B 90 28.98 2.30 3.03
C LEU B 90 30.00 3.33 2.48
N LEU B 91 30.91 3.80 3.34
CA LEU B 91 31.90 4.77 2.87
C LEU B 91 32.74 4.14 1.79
N ASP B 92 32.96 2.81 1.87
CA ASP B 92 33.76 2.08 0.88
C ASP B 92 33.14 2.14 -0.54
N ILE B 93 31.85 2.44 -0.64
CA ILE B 93 31.24 2.55 -1.97
C ILE B 93 30.75 3.97 -2.23
N HIS B 94 31.27 4.93 -1.44
CA HIS B 94 30.75 6.28 -1.45
C HIS B 94 31.83 7.32 -1.73
N GLU B 95 31.69 8.10 -2.78
CA GLU B 95 32.59 9.21 -3.09
C GLU B 95 32.37 10.30 -2.07
N PHE B 96 33.21 10.31 -1.04
CA PHE B 96 32.98 11.11 0.13
C PHE B 96 33.62 12.50 -0.08
N LYS B 97 32.98 13.34 -0.88
CA LYS B 97 33.54 14.65 -1.24
C LYS B 97 32.48 15.70 -1.05
N CYS B 98 32.25 16.06 0.21
CA CYS B 98 31.10 16.86 0.54
C CYS B 98 31.24 18.31 0.10
N GLY B 99 32.46 18.76 -0.17
CA GLY B 99 32.66 20.17 -0.53
C GLY B 99 31.74 20.71 -1.60
N PRO B 100 31.84 20.19 -2.81
CA PRO B 100 30.99 20.56 -3.96
C PRO B 100 29.61 19.82 -4.03
N CYS B 101 29.32 19.07 -2.99
CA CYS B 101 28.16 18.16 -3.09
C CYS B 101 26.85 18.90 -2.87
N ASN B 102 25.85 18.66 -3.71
CA ASN B 102 24.58 19.39 -3.56
C ASN B 102 23.75 19.01 -2.29
N ARG B 103 24.18 18.03 -1.48
CA ARG B 103 23.48 17.77 -0.23
C ARG B 103 24.31 18.13 1.00
N ARG B 104 25.46 18.77 0.75
CA ARG B 104 26.43 19.12 1.80
C ARG B 104 25.75 19.60 3.09
N GLU B 105 24.74 20.45 2.98
CA GLU B 105 24.16 21.08 4.16
C GLU B 105 23.08 20.25 4.85
N ASN B 106 22.54 19.23 4.19
CA ASN B 106 21.47 18.46 4.82
C ASN B 106 21.50 16.98 4.49
N CYS B 107 22.70 16.40 4.48
CA CYS B 107 22.92 15.00 4.15
C CYS B 107 22.83 14.08 5.36
N GLU B 108 21.99 13.05 5.24
CA GLU B 108 21.81 12.16 6.39
C GLU B 108 23.02 11.30 6.57
N PHE B 109 23.70 11.02 5.48
CA PHE B 109 24.79 10.09 5.54
C PHE B 109 25.96 10.78 6.22
N LEU B 110 26.22 12.03 5.79
CA LEU B 110 27.25 12.84 6.45
C LEU B 110 27.03 12.88 7.96
N LYS B 111 25.83 13.24 8.41
CA LYS B 111 25.55 13.23 9.85
C LYS B 111 25.89 11.91 10.55
N LEU B 112 25.63 10.80 9.89
CA LEU B 112 25.93 9.52 10.48
C LEU B 112 27.41 9.24 10.51
N VAL B 113 28.11 9.57 9.43
CA VAL B 113 29.54 9.36 9.38
C VAL B 113 30.18 10.15 10.57
N ILE B 114 29.70 11.36 10.77
CA ILE B 114 30.21 12.22 11.83
C ILE B 114 29.85 11.72 13.23
N LYS B 115 28.59 11.34 13.40
CA LYS B 115 28.12 10.79 14.68
C LYS B 115 28.86 9.55 15.20
N TYR B 116 29.30 8.68 14.30
CA TYR B 116 29.96 7.44 14.68
C TYR B 116 31.47 7.46 14.37
N LYS B 117 31.96 8.57 13.81
CA LYS B 117 33.36 8.72 13.45
C LYS B 117 33.81 7.59 12.55
N ALA B 118 32.97 7.25 11.58
CA ALA B 118 33.24 6.12 10.72
C ALA B 118 34.21 6.56 9.66
N ARG B 119 35.03 5.61 9.21
CA ARG B 119 35.97 5.87 8.12
C ARG B 119 35.98 4.66 7.24
N ALA B 120 36.28 4.89 5.96
CA ALA B 120 36.33 3.85 4.97
C ALA B 120 37.55 2.94 5.15
N SER B 121 37.42 1.66 4.79
CA SER B 121 38.56 0.76 4.69
C SER B 121 39.47 1.27 3.62
N LYS B 122 38.84 1.63 2.52
CA LYS B 122 39.51 2.18 1.38
C LYS B 122 38.62 3.26 0.79
N PRO B 123 39.08 4.53 0.76
CA PRO B 123 38.23 5.59 0.20
C PRO B 123 37.80 5.30 -1.22
N PHE B 124 36.55 5.65 -1.57
CA PHE B 124 36.03 5.41 -2.90
C PHE B 124 36.28 6.67 -3.72
N LEU B 125 37.12 6.57 -4.74
CA LEU B 125 37.58 7.74 -5.50
C LEU B 125 37.64 7.44 -6.98
N PRO B 126 36.48 7.15 -7.58
CA PRO B 126 36.49 6.88 -9.02
C PRO B 126 37.04 8.11 -9.76
N LYS B 127 37.91 7.87 -10.73
CA LYS B 127 38.57 8.97 -11.42
C LYS B 127 37.68 9.47 -12.52
N ASP B 128 36.98 8.55 -13.16
CA ASP B 128 36.03 8.86 -14.20
C ASP B 128 34.58 8.56 -13.78
N LYS B 129 33.79 9.58 -13.47
CA LYS B 129 32.43 9.38 -12.95
C LYS B 129 31.37 9.09 -13.99
N THR B 130 31.71 9.08 -15.27
CA THR B 130 30.63 9.17 -16.27
C THR B 130 29.79 7.91 -16.31
N GLU B 131 30.36 6.78 -15.93
CA GLU B 131 29.59 5.53 -16.01
C GLU B 131 28.66 5.36 -14.82
N TYR B 132 28.84 6.20 -13.81
CA TYR B 132 28.01 6.25 -12.61
C TYR B 132 26.87 7.24 -12.68
N VAL B 133 26.93 8.18 -13.62
CA VAL B 133 26.00 9.29 -13.69
C VAL B 133 25.05 9.12 -14.89
N ASP B 134 23.78 9.44 -14.67
CA ASP B 134 22.77 9.41 -15.73
C ASP B 134 21.98 10.72 -15.70
N GLU B 135 22.19 11.56 -16.72
CA GLU B 135 21.61 12.91 -16.80
C GLU B 135 20.74 13.02 -18.04
N ARG B 136 20.32 11.88 -18.53
CA ARG B 136 19.59 11.82 -19.78
C ARG B 136 18.19 12.39 -19.68
N SER B 137 17.58 12.21 -18.52
CA SER B 137 16.22 12.65 -18.28
C SER B 137 16.08 14.18 -18.27
N LYS B 138 14.93 14.63 -18.73
CA LYS B 138 14.53 16.06 -18.62
C LYS B 138 14.26 16.49 -17.18
N SER B 139 14.02 15.50 -16.30
CA SER B 139 13.58 15.78 -14.93
C SER B 139 14.48 15.29 -13.78
N LEU B 140 14.98 14.05 -13.88
CA LEU B 140 15.74 13.37 -12.79
C LEU B 140 17.13 13.04 -13.20
N THR B 141 18.08 13.06 -12.26
CA THR B 141 19.41 12.59 -12.52
C THR B 141 19.83 11.65 -11.40
N VAL B 142 20.77 10.80 -11.75
CA VAL B 142 21.31 9.83 -10.84
C VAL B 142 22.83 9.95 -10.79
N ASP B 143 23.36 9.91 -9.57
CA ASP B 143 24.80 9.80 -9.39
C ASP B 143 25.12 8.62 -8.49
N ARG B 144 25.49 7.52 -9.10
CA ARG B 144 25.60 6.29 -8.35
C ARG B 144 26.87 6.24 -7.48
N THR B 145 27.74 7.23 -7.63
CA THR B 145 28.93 7.32 -6.73
C THR B 145 28.48 7.68 -5.30
N LYS B 146 27.25 8.16 -5.17
CA LYS B 146 26.67 8.54 -3.86
C LYS B 146 25.69 7.56 -3.30
N CYS B 147 25.31 6.56 -4.10
CA CYS B 147 24.16 5.72 -3.75
C CYS B 147 24.47 4.65 -2.68
N LEU B 148 23.69 4.63 -1.61
CA LEU B 148 23.92 3.71 -0.50
C LEU B 148 23.16 2.39 -0.62
N LEU B 149 22.39 2.24 -1.71
CA LEU B 149 21.54 1.06 -1.91
C LEU B 149 20.62 0.81 -0.70
N CYS B 150 20.07 1.89 -0.17
CA CYS B 150 19.20 1.86 0.99
C CYS B 150 17.76 1.52 0.63
N GLY B 151 17.43 1.58 -0.66
CA GLY B 151 16.09 1.21 -1.12
C GLY B 151 14.99 2.23 -0.86
N ARG B 152 15.35 3.40 -0.31
CA ARG B 152 14.33 4.33 0.12
C ARG B 152 13.61 4.92 -1.11
N CYS B 153 14.33 5.14 -2.22
CA CYS B 153 13.71 5.63 -3.47
C CYS B 153 12.76 4.55 -4.06
N VAL B 154 13.24 3.33 -4.11
CA VAL B 154 12.44 2.18 -4.60
C VAL B 154 11.16 2.03 -3.76
N ASN B 155 11.29 2.05 -2.45
CA ASN B 155 10.10 1.95 -1.61
C ASN B 155 9.20 3.16 -1.78
N ALA B 156 9.77 4.39 -1.87
CA ALA B 156 8.90 5.57 -2.02
C ALA B 156 8.15 5.54 -3.37
N CYS B 157 8.84 5.10 -4.42
CA CYS B 157 8.22 5.05 -5.73
C CYS B 157 7.06 4.06 -5.63
N GLY B 158 7.30 2.89 -5.09
CA GLY B 158 6.25 1.88 -4.97
C GLY B 158 5.04 2.38 -4.13
N LYS B 159 5.32 3.01 -3.00
CA LYS B 159 4.24 3.44 -2.11
C LYS B 159 3.51 4.66 -2.67
N ASN B 160 4.26 5.61 -3.24
CA ASN B 160 3.66 6.87 -3.66
C ASN B 160 2.98 6.78 -5.00
N THR B 161 3.56 5.98 -5.90
CA THR B 161 3.04 5.95 -7.28
C THR B 161 2.53 4.54 -7.74
N GLU B 162 3.11 3.47 -7.17
CA GLU B 162 2.89 2.07 -7.55
C GLU B 162 3.36 1.80 -8.97
N THR B 163 4.14 2.70 -9.58
CA THR B 163 4.72 2.35 -10.88
C THR B 163 5.90 1.39 -10.73
N TYR B 164 6.64 1.50 -9.63
CA TYR B 164 7.92 0.84 -9.51
C TYR B 164 8.85 1.11 -10.68
N ALA B 165 8.80 2.34 -11.23
CA ALA B 165 9.75 2.67 -12.26
C ALA B 165 11.21 2.63 -11.74
N MET B 166 11.37 2.97 -10.46
CA MET B 166 12.67 2.88 -9.77
C MET B 166 12.82 1.51 -9.19
N LYS B 167 13.89 0.83 -9.54
CA LYS B 167 14.05 -0.62 -9.19
C LYS B 167 15.48 -0.91 -8.77
N PHE B 168 15.66 -2.01 -8.06
CA PHE B 168 17.01 -2.58 -7.94
C PHE B 168 17.25 -3.39 -9.23
N LEU B 169 18.45 -3.22 -9.78
CA LEU B 169 18.91 -3.87 -10.98
C LEU B 169 20.19 -4.58 -10.69
N ASN B 170 20.46 -5.65 -11.44
CA ASN B 170 21.79 -6.23 -11.40
C ASN B 170 22.48 -5.86 -12.67
N LYS B 171 23.58 -5.14 -12.52
CA LYS B 171 24.36 -4.68 -13.64
C LYS B 171 25.74 -5.28 -13.48
N ASN B 172 25.92 -6.41 -14.17
CA ASN B 172 27.18 -7.12 -14.22
C ASN B 172 27.76 -7.34 -12.84
N GLY B 173 27.05 -8.18 -12.08
CA GLY B 173 27.47 -8.62 -10.77
C GLY B 173 27.20 -7.61 -9.68
N LYS B 174 27.09 -6.34 -10.06
CA LYS B 174 26.91 -5.24 -9.13
C LYS B 174 25.43 -4.81 -9.06
N THR B 175 24.97 -4.48 -7.86
CA THR B 175 23.59 -4.02 -7.66
C THR B 175 23.53 -2.48 -7.83
N ILE B 176 22.59 -2.00 -8.63
CA ILE B 176 22.40 -0.57 -8.77
C ILE B 176 20.92 -0.28 -8.60
N ILE B 177 20.56 1.00 -8.47
CA ILE B 177 19.17 1.41 -8.75
C ILE B 177 19.07 2.10 -10.11
N GLY B 178 17.88 2.04 -10.68
CA GLY B 178 17.59 2.60 -11.97
C GLY B 178 16.26 2.11 -12.49
N ALA B 179 16.01 2.42 -13.74
CA ALA B 179 14.85 1.86 -14.46
C ALA B 179 15.20 0.55 -15.13
N GLU B 180 14.18 -0.22 -15.47
CA GLU B 180 14.38 -1.52 -16.14
C GLU B 180 15.31 -1.32 -17.35
N ASP B 181 16.29 -2.22 -17.44
CA ASP B 181 17.26 -2.20 -18.53
C ASP B 181 18.02 -0.90 -18.60
N GLU B 182 18.11 -0.17 -17.49
CA GLU B 182 18.83 1.10 -17.47
C GLU B 182 18.37 2.08 -18.53
N LYS B 183 17.08 2.03 -18.87
CA LYS B 183 16.50 3.00 -19.78
C LYS B 183 16.45 4.39 -19.15
N CYS B 184 16.38 5.42 -19.99
CA CYS B 184 16.10 6.75 -19.49
C CYS B 184 14.72 6.75 -18.80
N PHE B 185 14.60 7.31 -17.59
CA PHE B 185 13.28 7.35 -16.90
C PHE B 185 12.17 7.91 -17.80
N ASP B 186 12.50 8.94 -18.59
CA ASP B 186 11.48 9.59 -19.44
C ASP B 186 10.79 8.59 -20.39
N ASP B 187 11.51 7.52 -20.71
CA ASP B 187 11.06 6.52 -21.67
C ASP B 187 10.27 5.38 -21.00
N THR B 188 10.17 5.43 -19.66
CA THR B 188 9.49 4.43 -18.90
C THR B 188 8.13 4.94 -18.48
N ASN B 189 7.45 4.16 -17.65
CA ASN B 189 6.16 4.56 -17.10
C ASN B 189 6.30 5.58 -15.96
N CYS B 190 7.54 5.85 -15.55
CA CYS B 190 7.86 6.93 -14.59
C CYS B 190 7.03 8.19 -14.80
N LEU B 191 6.59 8.80 -13.70
CA LEU B 191 5.78 10.02 -13.72
C LEU B 191 6.66 11.26 -13.66
N LEU B 192 7.96 11.05 -13.36
CA LEU B 192 8.95 12.09 -13.21
C LEU B 192 8.64 13.00 -12.00
N CYS B 193 7.88 12.45 -11.05
CA CYS B 193 7.37 13.17 -9.88
C CYS B 193 8.44 13.45 -8.83
N GLY B 194 9.58 12.75 -8.88
CA GLY B 194 10.66 13.03 -7.92
C GLY B 194 10.37 12.66 -6.48
N GLN B 195 9.36 11.82 -6.22
CA GLN B 195 9.18 11.34 -4.85
C GLN B 195 10.38 10.52 -4.46
N CYS B 196 11.04 9.94 -5.44
CA CYS B 196 12.23 9.18 -5.13
C CYS B 196 13.39 10.07 -4.67
N ILE B 197 13.51 11.27 -5.27
CA ILE B 197 14.52 12.28 -4.82
C ILE B 197 14.27 12.69 -3.39
N ILE B 198 13.01 12.97 -3.08
CA ILE B 198 12.59 13.46 -1.77
C ILE B 198 12.95 12.38 -0.73
N ALA B 199 12.86 11.09 -1.12
CA ALA B 199 13.21 10.02 -0.20
C ALA B 199 14.73 9.75 -0.01
N CYS B 200 15.56 10.22 -0.94
CA CYS B 200 16.95 9.87 -0.92
C CYS B 200 17.69 10.68 0.20
N PRO B 201 18.45 9.98 1.07
CA PRO B 201 19.20 10.61 2.17
C PRO B 201 20.50 11.30 1.73
N VAL B 202 20.93 11.12 0.49
CA VAL B 202 22.20 11.61 -0.03
C VAL B 202 21.99 12.25 -1.39
N ALA B 203 23.08 12.60 -2.07
CA ALA B 203 23.00 13.30 -3.37
C ALA B 203 22.98 12.31 -4.55
N ALA B 204 22.52 11.08 -4.34
CA ALA B 204 22.46 10.13 -5.43
C ALA B 204 21.37 10.51 -6.45
N LEU B 205 20.23 10.94 -5.97
CA LEU B 205 19.15 11.36 -6.90
C LEU B 205 19.02 12.85 -6.79
N SER B 206 18.91 13.51 -7.94
CA SER B 206 18.68 14.96 -8.03
C SER B 206 17.74 15.35 -9.15
N GLU B 207 17.40 16.64 -9.19
CA GLU B 207 16.67 17.19 -10.34
C GLU B 207 17.66 17.41 -11.46
N LYS B 208 17.13 17.33 -12.68
CA LYS B 208 17.85 17.73 -13.87
C LYS B 208 18.01 19.25 -13.81
N SER B 209 19.23 19.73 -13.64
CA SER B 209 19.45 21.16 -13.41
C SER B 209 19.08 22.06 -14.62
N HIS B 210 18.38 23.15 -14.35
CA HIS B 210 18.19 24.22 -15.34
C HIS B 210 18.89 25.49 -14.93
N MET B 211 19.80 25.41 -13.96
CA MET B 211 20.43 26.61 -13.43
C MET B 211 21.33 27.26 -14.50
N ASP B 212 21.98 26.46 -15.33
CA ASP B 212 22.74 27.08 -16.40
C ASP B 212 21.86 27.78 -17.46
N ARG B 213 20.69 27.23 -17.81
CA ARG B 213 19.77 27.92 -18.72
C ARG B 213 19.47 29.30 -18.16
N VAL B 214 19.20 29.34 -16.85
CA VAL B 214 18.76 30.59 -16.22
C VAL B 214 19.90 31.61 -16.16
N LYS B 215 21.06 31.19 -15.71
CA LYS B 215 22.20 32.05 -15.58
C LYS B 215 22.60 32.61 -16.93
N ASN B 216 22.56 31.78 -17.95
CA ASN B 216 22.96 32.22 -19.26
C ASN B 216 22.01 33.25 -19.84
N ALA B 217 20.71 33.04 -19.63
CA ALA B 217 19.70 34.00 -20.03
C ALA B 217 19.87 35.33 -19.26
N LEU B 218 20.09 35.23 -17.95
CA LEU B 218 20.24 36.42 -17.11
C LEU B 218 21.42 37.25 -17.62
N ASN B 219 22.47 36.55 -18.06
CA ASN B 219 23.67 37.20 -18.56
C ASN B 219 23.69 37.57 -20.03
N ALA B 220 22.67 37.15 -20.77
CA ALA B 220 22.56 37.52 -22.16
C ALA B 220 21.97 38.94 -22.23
N PRO B 221 22.71 39.90 -22.81
CA PRO B 221 22.28 41.30 -22.71
C PRO B 221 20.88 41.54 -23.30
N GLU B 222 20.55 40.84 -24.38
CA GLU B 222 19.33 41.07 -25.10
C GLU B 222 18.12 40.29 -24.56
N LYS B 223 18.36 39.38 -23.62
CA LYS B 223 17.24 38.60 -23.09
C LYS B 223 16.56 39.35 -21.95
N HIS B 224 15.22 39.35 -22.01
CA HIS B 224 14.37 39.90 -20.95
C HIS B 224 13.84 38.71 -20.15
N VAL B 225 14.34 38.50 -18.92
CA VAL B 225 14.08 37.21 -18.23
C VAL B 225 12.98 37.44 -17.22
N ILE B 226 11.87 36.76 -17.47
CA ILE B 226 10.71 36.81 -16.63
C ILE B 226 10.83 35.67 -15.67
N VAL B 227 10.53 35.90 -14.40
CA VAL B 227 10.41 34.78 -13.48
C VAL B 227 9.07 34.76 -12.78
N ALA B 228 8.55 33.55 -12.56
CA ALA B 228 7.31 33.40 -11.84
C ALA B 228 7.35 32.09 -11.02
N MET B 229 6.94 32.15 -9.76
CA MET B 229 7.01 31.03 -8.86
C MET B 229 5.66 30.39 -8.64
N ALA B 230 5.69 29.09 -8.39
CA ALA B 230 4.51 28.32 -8.10
C ALA B 230 3.89 28.70 -6.77
N PRO B 231 2.62 28.33 -6.55
CA PRO B 231 1.99 28.50 -5.23
C PRO B 231 2.86 28.05 -4.06
N SER B 232 3.40 26.83 -4.18
CA SER B 232 4.07 26.16 -3.05
C SER B 232 5.39 26.76 -2.63
N VAL B 233 6.07 27.43 -3.54
CA VAL B 233 7.41 27.88 -3.24
C VAL B 233 7.46 28.85 -2.02
N ARG B 234 6.48 29.74 -1.95
CA ARG B 234 6.44 30.79 -0.89
C ARG B 234 6.13 30.18 0.47
N ALA B 235 5.67 28.90 0.47
CA ALA B 235 5.31 28.17 1.69
C ALA B 235 6.42 27.23 2.12
N SER B 236 7.52 27.21 1.37
CA SER B 236 8.50 26.14 1.47
C SER B 236 9.94 26.62 1.52
N ILE B 237 10.31 27.64 0.73
CA ILE B 237 11.72 27.83 0.45
C ILE B 237 12.45 28.35 1.73
N GLY B 238 11.71 28.95 2.65
CA GLY B 238 12.33 29.43 3.89
C GLY B 238 12.98 28.34 4.74
N GLU B 239 12.50 27.10 4.62
CA GLU B 239 13.09 25.97 5.27
C GLU B 239 14.58 25.86 5.00
N LEU B 240 14.99 26.20 3.77
CA LEU B 240 16.37 26.13 3.37
C LEU B 240 17.22 27.35 3.78
N PHE B 241 16.59 28.34 4.45
CA PHE B 241 17.30 29.50 4.95
C PHE B 241 17.17 29.61 6.48
N ASN B 242 16.96 28.46 7.15
CA ASN B 242 16.96 28.38 8.63
C ASN B 242 15.79 29.15 9.24
N MET B 243 14.70 29.32 8.48
CA MET B 243 13.56 30.11 9.00
C MET B 243 12.50 29.26 9.68
N GLY B 244 12.65 27.95 9.63
CA GLY B 244 11.70 27.05 10.18
C GLY B 244 10.66 26.65 9.14
N PHE B 245 9.56 26.03 9.62
CA PHE B 245 8.51 25.44 8.76
C PHE B 245 7.26 26.29 8.78
N GLY B 246 6.58 26.38 7.64
CA GLY B 246 5.30 27.04 7.63
C GLY B 246 5.42 28.54 7.60
N VAL B 247 6.54 29.04 7.12
CA VAL B 247 6.71 30.48 7.04
C VAL B 247 6.40 31.01 5.64
N ASP B 248 5.60 32.06 5.60
CA ASP B 248 5.20 32.67 4.33
C ASP B 248 6.28 33.67 3.96
N VAL B 249 7.06 33.38 2.95
CA VAL B 249 8.16 34.25 2.55
C VAL B 249 7.98 34.85 1.15
N THR B 250 6.72 35.04 0.76
CA THR B 250 6.38 35.57 -0.55
C THR B 250 7.15 36.84 -0.87
N GLY B 251 7.02 37.85 0.00
CA GLY B 251 7.67 39.12 -0.28
C GLY B 251 9.18 39.01 -0.35
N LYS B 252 9.76 38.15 0.47
CA LYS B 252 11.22 38.03 0.46
C LYS B 252 11.68 37.40 -0.85
N ILE B 253 10.88 36.45 -1.37
CA ILE B 253 11.26 35.84 -2.66
C ILE B 253 11.28 36.90 -3.77
N TYR B 254 10.25 37.74 -3.81
CA TYR B 254 10.17 38.77 -4.82
C TYR B 254 11.45 39.64 -4.78
N THR B 255 11.83 40.03 -3.57
CA THR B 255 13.06 40.81 -3.44
C THR B 255 14.29 40.03 -3.89
N ALA B 256 14.44 38.76 -3.43
CA ALA B 256 15.56 37.92 -3.87
C ALA B 256 15.64 37.77 -5.40
N LEU B 257 14.49 37.68 -6.09
CA LEU B 257 14.51 37.47 -7.54
C LEU B 257 15.01 38.71 -8.24
N ARG B 258 14.63 39.87 -7.69
CA ARG B 258 15.14 41.11 -8.26
C ARG B 258 16.63 41.21 -8.06
N GLN B 259 17.11 40.82 -6.89
CA GLN B 259 18.54 40.90 -6.61
C GLN B 259 19.31 39.89 -7.43
N LEU B 260 18.65 38.81 -7.89
CA LEU B 260 19.32 37.85 -8.79
C LEU B 260 19.45 38.41 -10.22
N GLY B 261 18.76 39.50 -10.55
CA GLY B 261 18.88 40.14 -11.85
C GLY B 261 17.72 39.85 -12.80
N PHE B 262 16.66 39.18 -12.32
CA PHE B 262 15.50 38.93 -13.19
C PHE B 262 14.89 40.28 -13.58
N ASP B 263 14.37 40.35 -14.78
CA ASP B 263 13.93 41.59 -15.37
C ASP B 263 12.46 41.89 -15.10
N LYS B 264 11.71 40.87 -14.70
CA LYS B 264 10.29 41.02 -14.45
C LYS B 264 9.86 39.92 -13.50
N ILE B 265 9.15 40.31 -12.45
CA ILE B 265 8.75 39.47 -11.36
C ILE B 265 7.24 39.27 -11.41
N PHE B 266 6.84 38.11 -11.91
CA PHE B 266 5.45 37.76 -12.00
C PHE B 266 5.21 36.60 -11.03
N ASP B 267 4.13 35.85 -11.24
CA ASP B 267 3.79 34.79 -10.28
C ASP B 267 2.91 33.79 -10.98
N ILE B 268 3.19 32.52 -10.79
CA ILE B 268 2.43 31.47 -11.44
C ILE B 268 1.06 31.45 -10.86
N ASN B 269 0.86 31.98 -9.65
CA ASN B 269 -0.53 32.06 -9.16
C ASN B 269 -1.50 32.85 -10.08
N PHE B 270 -0.95 33.81 -10.85
CA PHE B 270 -1.68 34.49 -11.93
C PHE B 270 -2.07 33.48 -13.03
N GLY B 271 -1.11 32.62 -13.36
CA GLY B 271 -1.37 31.56 -14.30
C GLY B 271 -2.43 30.57 -13.74
N ALA B 272 -2.48 30.36 -12.42
CA ALA B 272 -3.50 29.49 -11.82
C ALA B 272 -4.87 30.10 -12.02
N ASP B 273 -4.96 31.43 -11.84
CA ASP B 273 -6.25 32.09 -12.05
C ASP B 273 -6.65 31.95 -13.54
N MET B 274 -5.69 31.98 -14.45
CA MET B 274 -5.98 31.77 -15.86
C MET B 274 -6.52 30.36 -16.13
N THR B 275 -5.83 29.36 -15.57
CA THR B 275 -6.26 27.98 -15.74
C THR B 275 -7.69 27.84 -15.26
N ILE B 276 -8.00 28.44 -14.13
CA ILE B 276 -9.38 28.41 -13.66
C ILE B 276 -10.35 29.13 -14.60
N MET B 277 -9.97 30.29 -15.15
CA MET B 277 -10.83 30.96 -16.10
C MET B 277 -11.20 29.99 -17.24
N GLU B 278 -10.21 29.34 -17.82
CA GLU B 278 -10.47 28.40 -18.90
C GLU B 278 -11.19 27.13 -18.41
N GLU B 279 -10.66 26.52 -17.35
CA GLU B 279 -11.19 25.20 -16.92
C GLU B 279 -12.59 25.29 -16.34
N ALA B 280 -12.86 26.28 -15.52
CA ALA B 280 -14.18 26.47 -15.01
C ALA B 280 -15.15 26.80 -16.15
N THR B 281 -14.68 27.57 -17.14
CA THR B 281 -15.52 27.83 -18.30
C THR B 281 -15.82 26.51 -19.01
N GLU B 282 -14.80 25.65 -19.19
CA GLU B 282 -15.04 24.36 -19.83
C GLU B 282 -15.99 23.50 -19.01
N LEU B 283 -15.89 23.55 -17.69
CA LEU B 283 -16.80 22.75 -16.89
C LEU B 283 -18.27 23.15 -17.15
N VAL B 284 -18.54 24.46 -17.14
CA VAL B 284 -19.88 24.94 -17.35
C VAL B 284 -20.33 24.62 -18.77
N GLN B 285 -19.43 24.70 -19.75
CA GLN B 285 -19.78 24.25 -21.12
C GLN B 285 -20.18 22.76 -21.12
N ARG B 286 -19.41 21.95 -20.43
CA ARG B 286 -19.75 20.53 -20.34
C ARG B 286 -21.07 20.27 -19.62
N ILE B 287 -21.32 20.99 -18.54
CA ILE B 287 -22.59 20.93 -17.86
C ILE B 287 -23.74 21.28 -18.82
N GLU B 288 -23.56 22.36 -19.58
CA GLU B 288 -24.54 22.79 -20.59
C GLU B 288 -24.71 21.79 -21.71
N ASN B 289 -23.65 21.06 -22.04
CA ASN B 289 -23.75 20.13 -23.17
C ASN B 289 -23.95 18.67 -22.72
N ASN B 290 -24.25 18.47 -21.45
CA ASN B 290 -24.40 17.13 -20.83
C ASN B 290 -23.18 16.27 -21.01
N GLY B 291 -22.00 16.88 -20.95
CA GLY B 291 -20.78 16.12 -21.02
C GLY B 291 -19.84 16.61 -22.10
N PRO B 292 -18.85 15.78 -22.44
CA PRO B 292 -18.60 14.47 -21.84
C PRO B 292 -18.16 14.58 -20.41
N PHE B 293 -18.48 13.55 -19.64
CA PHE B 293 -18.05 13.45 -18.26
C PHE B 293 -17.33 12.14 -18.01
N PRO B 294 -16.46 12.11 -16.98
CA PRO B 294 -15.95 13.23 -16.17
C PRO B 294 -14.96 14.07 -16.94
N MET B 295 -14.79 15.34 -16.57
CA MET B 295 -13.63 16.09 -16.95
C MET B 295 -12.55 15.91 -15.85
N PHE B 296 -11.34 15.64 -16.26
CA PHE B 296 -10.18 15.62 -15.31
C PHE B 296 -9.34 16.86 -15.42
N THR B 297 -8.69 17.25 -14.33
CA THR B 297 -7.70 18.30 -14.37
C THR B 297 -6.54 17.83 -15.23
N SER B 298 -5.78 18.78 -15.76
CA SER B 298 -4.65 18.50 -16.62
C SER B 298 -3.41 19.27 -16.21
N CYS B 299 -3.42 19.84 -14.99
CA CYS B 299 -2.40 20.77 -14.58
C CYS B 299 -1.18 20.08 -13.96
N CYS B 300 -1.36 18.84 -13.52
CA CYS B 300 -0.24 18.05 -12.93
C CYS B 300 0.40 17.16 -14.02
N PRO B 301 1.67 17.46 -14.44
CA PRO B 301 2.30 16.66 -15.51
C PRO B 301 2.64 15.22 -15.05
N GLY B 302 2.74 14.98 -13.73
CA GLY B 302 2.86 13.59 -13.30
C GLY B 302 1.60 12.77 -13.62
N TRP B 303 0.43 13.33 -13.27
CA TRP B 303 -0.84 12.75 -13.60
C TRP B 303 -1.01 12.62 -15.13
N VAL B 304 -0.70 13.67 -15.89
CA VAL B 304 -0.74 13.50 -17.33
C VAL B 304 0.11 12.29 -17.82
N ARG B 305 1.35 12.14 -17.36
CA ARG B 305 2.16 11.00 -17.77
C ARG B 305 1.50 9.69 -17.30
N GLN B 306 0.92 9.72 -16.11
CA GLN B 306 0.20 8.55 -15.61
C GLN B 306 -0.95 8.19 -16.56
N ALA B 307 -1.76 9.17 -16.92
CA ALA B 307 -2.84 8.94 -17.89
C ALA B 307 -2.31 8.48 -19.22
N GLU B 308 -1.28 9.13 -19.76
CA GLU B 308 -0.68 8.65 -21.00
C GLU B 308 -0.20 7.20 -20.90
N ASN B 309 0.45 6.85 -19.81
CA ASN B 309 1.13 5.56 -19.67
C ASN B 309 0.19 4.45 -19.24
N TYR B 310 -0.86 4.78 -18.51
CA TYR B 310 -1.72 3.74 -17.96
C TYR B 310 -3.20 3.81 -18.33
N TYR B 311 -3.69 5.00 -18.68
CA TYR B 311 -5.13 5.22 -18.89
C TYR B 311 -5.34 6.15 -20.09
N PRO B 312 -4.79 5.77 -21.25
CA PRO B 312 -4.80 6.68 -22.41
C PRO B 312 -6.22 7.00 -22.90
N GLU B 313 -7.17 6.12 -22.58
CA GLU B 313 -8.59 6.37 -22.88
C GLU B 313 -9.09 7.61 -22.14
N LEU B 314 -8.40 8.02 -21.10
CA LEU B 314 -8.89 9.15 -20.31
C LEU B 314 -8.37 10.47 -20.87
N LEU B 315 -7.43 10.40 -21.82
CA LEU B 315 -6.83 11.64 -22.33
C LEU B 315 -7.84 12.59 -22.92
N ASN B 316 -8.85 12.06 -23.60
CA ASN B 316 -9.85 12.92 -24.19
C ASN B 316 -10.77 13.55 -23.16
N ASN B 317 -10.75 13.05 -21.94
CA ASN B 317 -11.48 13.63 -20.81
C ASN B 317 -10.70 14.70 -20.01
N LEU B 318 -9.40 14.80 -20.23
CA LEU B 318 -8.66 15.89 -19.57
C LEU B 318 -9.13 17.23 -20.08
N SER B 319 -9.30 18.18 -19.19
CA SER B 319 -9.45 19.56 -19.55
C SER B 319 -8.37 20.00 -20.52
N SER B 320 -8.75 20.73 -21.55
CA SER B 320 -7.77 21.21 -22.52
C SER B 320 -7.06 22.49 -22.00
N ALA B 321 -7.50 23.07 -20.89
CA ALA B 321 -6.78 24.20 -20.36
C ALA B 321 -5.33 23.80 -20.11
N LYS B 322 -4.41 24.68 -20.50
CA LYS B 322 -2.99 24.51 -20.13
C LYS B 322 -2.84 24.62 -18.60
N SER B 323 -1.76 24.02 -18.08
CA SER B 323 -1.42 24.11 -16.67
C SER B 323 -1.05 25.53 -16.34
N PRO B 324 -1.10 25.88 -15.04
CA PRO B 324 -0.76 27.26 -14.69
C PRO B 324 0.59 27.70 -15.26
N GLN B 325 1.57 26.85 -15.19
CA GLN B 325 2.86 27.09 -15.77
C GLN B 325 2.84 27.30 -17.31
N GLN B 326 2.19 26.42 -18.03
CA GLN B 326 2.24 26.53 -19.47
C GLN B 326 1.31 27.64 -19.98
N ILE B 327 0.25 27.92 -19.26
CA ILE B 327 -0.74 28.90 -19.74
C ILE B 327 -0.15 30.27 -19.48
N PHE B 328 0.53 30.40 -18.34
CA PHE B 328 1.30 31.58 -18.05
C PHE B 328 2.37 31.80 -19.12
N GLY B 329 3.16 30.76 -19.37
CA GLY B 329 4.21 30.76 -20.39
C GLY B 329 3.69 31.31 -21.72
N THR B 330 2.58 30.76 -22.14
CA THR B 330 1.99 31.12 -23.42
C THR B 330 1.67 32.62 -23.48
N ALA B 331 1.02 33.12 -22.44
CA ALA B 331 0.70 34.55 -22.29
C ALA B 331 1.90 35.45 -22.21
N SER B 332 2.99 34.96 -21.61
CA SER B 332 4.22 35.72 -21.47
C SER B 332 4.89 36.00 -22.82
N LYS B 333 4.55 35.20 -23.84
CA LYS B 333 5.14 35.35 -25.17
C LYS B 333 4.21 36.10 -26.15
N THR B 334 2.99 36.40 -25.71
CA THR B 334 1.92 36.91 -26.57
C THR B 334 1.34 38.18 -25.95
N TYR B 335 0.57 38.00 -24.88
CA TYR B 335 0.04 39.14 -24.16
C TYR B 335 1.11 40.09 -23.60
N TYR B 336 2.16 39.54 -23.03
CA TYR B 336 3.09 40.40 -22.33
C TYR B 336 3.90 41.35 -23.28
N PRO B 337 4.39 40.80 -24.43
CA PRO B 337 4.95 41.74 -25.42
C PRO B 337 3.96 42.85 -25.85
N SER B 338 2.69 42.48 -25.97
CA SER B 338 1.66 43.43 -26.38
C SER B 338 1.45 44.57 -25.39
N ILE B 339 1.89 44.39 -24.15
CA ILE B 339 1.72 45.46 -23.14
C ILE B 339 3.05 46.02 -22.64
N SER B 340 4.15 45.65 -23.26
CA SER B 340 5.46 45.99 -22.75
C SER B 340 6.36 46.56 -23.89
N GLY B 341 6.08 46.13 -25.14
CA GLY B 341 6.97 46.46 -26.25
C GLY B 341 8.14 45.51 -26.47
N LEU B 342 8.29 44.51 -25.61
CA LEU B 342 9.33 43.50 -25.83
C LEU B 342 9.15 42.77 -27.15
N ASP B 343 10.26 42.47 -27.83
CA ASP B 343 10.24 41.59 -28.98
C ASP B 343 9.99 40.18 -28.37
N PRO B 344 8.92 39.50 -28.77
CA PRO B 344 8.66 38.16 -28.18
C PRO B 344 9.83 37.19 -28.18
N LYS B 345 10.62 37.19 -29.24
CA LYS B 345 11.78 36.29 -29.30
C LYS B 345 12.80 36.56 -28.18
N ASN B 346 12.81 37.77 -27.59
CA ASN B 346 13.78 38.07 -26.52
C ASN B 346 13.27 37.79 -25.10
N VAL B 347 11.98 37.47 -24.97
CA VAL B 347 11.42 37.14 -23.67
C VAL B 347 11.88 35.69 -23.35
N PHE B 348 12.47 35.50 -22.19
CA PHE B 348 12.91 34.21 -21.70
C PHE B 348 12.15 33.96 -20.40
N THR B 349 11.34 32.91 -20.35
CA THR B 349 10.42 32.77 -19.21
C THR B 349 10.86 31.59 -18.33
N VAL B 350 11.11 31.93 -17.06
CA VAL B 350 11.58 31.01 -16.05
C VAL B 350 10.50 30.78 -15.00
N THR B 351 10.26 29.52 -14.67
CA THR B 351 9.41 29.27 -13.49
C THR B 351 10.25 28.66 -12.37
N VAL B 352 9.74 28.84 -11.17
CA VAL B 352 10.26 28.25 -9.98
C VAL B 352 9.13 27.33 -9.47
N MET B 353 9.42 26.05 -9.49
CA MET B 353 8.48 25.00 -9.12
C MET B 353 8.93 24.04 -8.00
N PRO B 354 7.97 23.52 -7.20
CA PRO B 354 8.23 22.45 -6.22
C PRO B 354 8.37 21.07 -6.85
N CYS B 355 8.59 21.04 -8.16
CA CYS B 355 8.26 19.88 -8.96
C CYS B 355 9.33 19.58 -10.03
N THR B 356 9.71 18.31 -10.19
CA THR B 356 10.62 17.89 -11.24
C THR B 356 9.86 17.62 -12.53
N SER B 357 8.64 17.11 -12.42
CA SER B 357 7.89 16.78 -13.59
C SER B 357 7.62 18.04 -14.48
N LYS B 358 7.52 19.22 -13.88
CA LYS B 358 7.32 20.49 -14.62
C LYS B 358 8.43 20.79 -15.63
N LYS B 359 9.62 20.25 -15.38
CA LYS B 359 10.71 20.40 -16.33
C LYS B 359 10.41 19.61 -17.59
N PHE B 360 9.84 18.42 -17.40
CA PHE B 360 9.44 17.62 -18.53
C PHE B 360 8.31 18.32 -19.33
N GLU B 361 7.34 18.88 -18.63
CA GLU B 361 6.22 19.57 -19.24
C GLU B 361 6.68 20.76 -20.08
N ALA B 362 7.59 21.53 -19.53
CA ALA B 362 8.06 22.77 -20.19
C ALA B 362 8.83 22.46 -21.49
N ASP B 363 9.49 21.30 -21.46
CA ASP B 363 10.28 20.84 -22.57
C ASP B 363 9.50 19.97 -23.58
N ARG B 364 8.18 19.83 -23.41
CA ARG B 364 7.41 19.06 -24.37
C ARG B 364 7.50 19.70 -25.77
N PRO B 365 7.73 18.89 -26.84
CA PRO B 365 7.93 19.48 -28.19
C PRO B 365 6.87 20.49 -28.59
N GLN B 366 5.63 20.19 -28.27
CA GLN B 366 4.51 20.97 -28.76
C GLN B 366 4.11 22.14 -27.82
N MET B 367 4.83 22.31 -26.70
CA MET B 367 4.54 23.42 -25.78
C MET B 367 5.29 24.68 -26.24
N GLU B 368 4.88 25.13 -27.41
CA GLU B 368 5.42 26.32 -28.06
C GLU B 368 4.44 26.78 -29.15
N LYS B 369 4.66 27.99 -29.65
CA LYS B 369 3.83 28.50 -30.73
C LYS B 369 4.65 29.51 -31.54
N ASP B 370 4.69 29.30 -32.86
CA ASP B 370 5.41 30.19 -33.78
C ASP B 370 6.87 30.35 -33.41
N GLY B 371 7.49 29.24 -33.03
CA GLY B 371 8.88 29.22 -32.64
C GLY B 371 9.17 29.60 -31.19
N LEU B 372 8.17 30.06 -30.45
CA LEU B 372 8.43 30.54 -29.09
C LEU B 372 8.00 29.52 -28.04
N ARG B 373 8.94 29.05 -27.22
CA ARG B 373 8.60 28.11 -26.14
C ARG B 373 7.65 28.82 -25.16
N ASP B 374 6.65 28.14 -24.66
CA ASP B 374 5.83 28.72 -23.56
C ASP B 374 6.76 29.11 -22.38
N ILE B 375 7.62 28.17 -22.05
CA ILE B 375 8.48 28.24 -20.86
C ILE B 375 9.88 27.80 -21.25
N ASP B 376 10.87 28.65 -20.96
CA ASP B 376 12.24 28.36 -21.38
C ASP B 376 13.09 27.62 -20.35
N ALA B 377 12.73 27.76 -19.08
CA ALA B 377 13.43 27.07 -18.02
C ALA B 377 12.54 26.93 -16.82
N VAL B 378 12.81 25.85 -16.11
CA VAL B 378 12.14 25.54 -14.84
C VAL B 378 13.20 25.18 -13.82
N ILE B 379 13.20 25.91 -12.71
CA ILE B 379 14.10 25.58 -11.60
C ILE B 379 13.28 25.19 -10.37
N THR B 380 13.76 24.17 -9.66
CA THR B 380 13.06 23.74 -8.45
C THR B 380 13.26 24.77 -7.30
N THR B 381 12.48 24.59 -6.24
CA THR B 381 12.60 25.31 -5.00
C THR B 381 14.05 25.19 -4.52
N ARG B 382 14.57 23.96 -4.56
CA ARG B 382 15.94 23.72 -4.17
C ARG B 382 16.96 24.50 -5.05
N GLU B 383 16.74 24.50 -6.36
CA GLU B 383 17.64 25.17 -7.29
C GLU B 383 17.58 26.67 -7.03
N LEU B 384 16.39 27.25 -6.82
CA LEU B 384 16.31 28.68 -6.51
C LEU B 384 17.13 29.00 -5.23
N ALA B 385 17.01 28.16 -4.21
CA ALA B 385 17.71 28.44 -2.94
C ALA B 385 19.20 28.44 -3.15
N LYS B 386 19.68 27.48 -3.95
CA LYS B 386 21.09 27.41 -4.27
C LYS B 386 21.54 28.69 -5.02
N MET B 387 20.75 29.13 -5.98
CA MET B 387 21.08 30.33 -6.73
C MET B 387 21.14 31.57 -5.81
N ILE B 388 20.18 31.69 -4.90
CA ILE B 388 20.16 32.77 -3.93
C ILE B 388 21.42 32.73 -3.04
N LYS B 389 21.72 31.56 -2.52
CA LYS B 389 22.91 31.35 -1.70
C LYS B 389 24.22 31.66 -2.46
N ASP B 390 24.37 31.19 -3.70
CA ASP B 390 25.59 31.42 -4.47
C ASP B 390 25.77 32.89 -4.76
N ALA B 391 24.67 33.62 -4.82
CA ALA B 391 24.71 35.05 -5.12
C ALA B 391 24.91 35.90 -3.86
N LYS B 392 25.04 35.23 -2.72
CA LYS B 392 25.26 35.88 -1.43
C LYS B 392 24.15 36.86 -1.11
N ILE B 393 22.93 36.49 -1.45
CA ILE B 393 21.74 37.26 -1.11
C ILE B 393 21.27 36.89 0.31
N PRO B 394 21.11 37.89 1.21
CA PRO B 394 20.76 37.57 2.60
C PRO B 394 19.25 37.36 2.79
N PHE B 395 18.78 36.22 2.26
CA PHE B 395 17.36 35.95 2.11
C PHE B 395 16.55 36.27 3.35
N ALA B 396 16.98 35.77 4.50
CA ALA B 396 16.19 35.88 5.70
C ALA B 396 16.13 37.34 6.23
N LYS B 397 17.00 38.20 5.72
CA LYS B 397 17.08 39.59 6.14
C LYS B 397 16.41 40.52 5.15
N LEU B 398 15.89 39.96 4.08
CA LEU B 398 15.36 40.79 3.02
C LEU B 398 14.08 41.48 3.44
N GLU B 399 13.93 42.72 2.96
CA GLU B 399 12.65 43.41 3.04
C GLU B 399 11.71 42.83 1.96
N ASP B 400 10.43 42.85 2.23
CA ASP B 400 9.40 42.43 1.26
C ASP B 400 9.28 43.41 0.10
N SER B 401 9.03 42.87 -1.08
CA SER B 401 8.59 43.67 -2.18
C SER B 401 7.40 42.98 -2.83
N GLU B 402 6.95 43.57 -3.92
CA GLU B 402 5.73 43.11 -4.56
C GLU B 402 6.11 42.62 -5.94
N ALA B 403 5.28 41.76 -6.47
CA ALA B 403 5.40 41.37 -7.87
C ALA B 403 5.06 42.55 -8.80
N ASP B 404 5.55 42.51 -10.04
CA ASP B 404 5.02 43.36 -11.07
C ASP B 404 3.56 42.91 -11.34
N PRO B 405 2.60 43.86 -11.30
CA PRO B 405 1.18 43.46 -11.25
C PRO B 405 0.61 42.84 -12.53
N ALA B 406 1.11 43.16 -13.72
CA ALA B 406 0.37 42.81 -14.94
C ALA B 406 0.11 41.33 -15.05
N MET B 407 1.08 40.50 -14.63
CA MET B 407 0.88 39.03 -14.64
C MET B 407 1.36 38.46 -13.30
N GLY B 408 1.26 39.30 -12.26
CA GLY B 408 1.71 39.03 -10.91
C GLY B 408 0.59 38.99 -9.84
N GLU B 409 -0.53 39.69 -10.06
CA GLU B 409 -1.64 39.69 -9.11
C GLU B 409 -2.21 38.25 -9.06
N TYR B 410 -2.71 37.83 -7.91
CA TYR B 410 -3.42 36.56 -7.87
C TYR B 410 -4.51 36.62 -6.81
N SER B 411 -5.56 35.87 -7.08
CA SER B 411 -6.64 35.67 -6.12
C SER B 411 -6.35 34.53 -5.15
N GLY B 412 -7.16 34.44 -4.11
CA GLY B 412 -7.00 33.37 -3.15
C GLY B 412 -7.29 31.97 -3.73
N ALA B 413 -8.12 31.93 -4.79
CA ALA B 413 -8.41 30.67 -5.48
C ALA B 413 -7.08 30.18 -6.09
N GLY B 414 -6.34 31.08 -6.72
CA GLY B 414 -5.04 30.71 -7.30
C GLY B 414 -4.09 30.31 -6.20
N ALA B 415 -4.19 30.99 -5.05
CA ALA B 415 -3.23 30.81 -3.96
C ALA B 415 -3.22 29.35 -3.44
N ILE B 416 -4.39 28.68 -3.47
CA ILE B 416 -4.49 27.41 -2.82
C ILE B 416 -4.16 26.23 -3.75
N PHE B 417 -3.78 26.54 -5.00
CA PHE B 417 -3.52 25.48 -6.00
C PHE B 417 -2.57 24.43 -5.50
N GLY B 418 -1.58 24.87 -4.72
CA GLY B 418 -0.48 23.98 -4.29
C GLY B 418 -0.83 22.90 -3.29
N ALA B 419 -2.01 22.99 -2.70
CA ALA B 419 -2.55 21.91 -1.85
C ALA B 419 -3.54 21.00 -2.54
N THR B 420 -3.55 19.73 -2.13
CA THR B 420 -4.49 18.77 -2.71
C THR B 420 -5.90 19.25 -2.51
N GLY B 421 -6.67 19.29 -3.60
CA GLY B 421 -8.03 19.80 -3.53
C GLY B 421 -8.12 21.32 -3.78
N GLY B 422 -6.95 21.96 -3.90
CA GLY B 422 -6.87 23.40 -4.16
C GLY B 422 -7.48 23.74 -5.55
N VAL B 423 -7.09 23.00 -6.57
CA VAL B 423 -7.61 23.23 -7.91
C VAL B 423 -9.14 23.02 -7.90
N MET B 424 -9.58 21.94 -7.29
CA MET B 424 -11.02 21.66 -7.25
C MET B 424 -11.79 22.81 -6.62
N GLU B 425 -11.33 23.24 -5.46
CA GLU B 425 -12.01 24.31 -4.74
C GLU B 425 -12.00 25.63 -5.53
N ALA B 426 -10.86 25.97 -6.13
CA ALA B 426 -10.71 27.16 -6.92
C ALA B 426 -11.66 27.16 -8.13
N ALA B 427 -11.73 25.99 -8.76
CA ALA B 427 -12.54 25.77 -9.96
C ALA B 427 -14.04 25.85 -9.64
N LEU B 428 -14.42 25.32 -8.49
CA LEU B 428 -15.83 25.34 -8.11
C LEU B 428 -16.26 26.78 -7.83
N ARG B 429 -15.39 27.55 -7.18
CA ARG B 429 -15.69 28.99 -6.92
C ARG B 429 -16.02 29.76 -8.19
N SER B 430 -15.31 29.52 -9.29
CA SER B 430 -15.65 30.20 -10.53
C SER B 430 -16.78 29.50 -11.29
N ALA B 431 -16.80 28.18 -11.29
CA ALA B 431 -17.80 27.44 -12.08
C ALA B 431 -19.21 27.75 -11.59
N LYS B 432 -19.39 27.83 -10.28
CA LYS B 432 -20.71 28.05 -9.73
C LYS B 432 -21.17 29.49 -10.08
N ASP B 433 -20.32 30.49 -9.84
CA ASP B 433 -20.66 31.86 -10.25
C ASP B 433 -21.00 31.94 -11.74
N PHE B 434 -20.18 31.30 -12.58
CA PHE B 434 -20.37 31.31 -14.01
C PHE B 434 -21.74 30.70 -14.37
N ALA B 435 -22.03 29.52 -13.82
CA ALA B 435 -23.23 28.79 -14.20
C ALA B 435 -24.51 29.48 -13.73
N GLU B 436 -24.41 30.10 -12.56
CA GLU B 436 -25.59 30.70 -11.94
C GLU B 436 -25.69 32.21 -12.23
N ASN B 437 -24.76 32.74 -13.02
CA ASN B 437 -24.68 34.13 -13.34
C ASN B 437 -24.79 34.98 -12.09
N ALA B 438 -24.05 34.56 -11.07
CA ALA B 438 -24.12 35.17 -9.76
C ALA B 438 -22.73 35.46 -9.19
N GLU B 439 -22.69 36.21 -8.10
CA GLU B 439 -21.50 36.36 -7.26
C GLU B 439 -21.84 35.81 -5.90
N LEU B 440 -21.50 34.55 -5.67
CA LEU B 440 -21.89 33.91 -4.43
C LEU B 440 -20.92 34.19 -3.30
N GLU B 441 -21.45 34.22 -2.08
CA GLU B 441 -20.63 34.52 -0.92
C GLU B 441 -20.02 33.28 -0.29
N ASP B 442 -20.65 32.12 -0.44
CA ASP B 442 -20.17 30.88 0.18
C ASP B 442 -19.23 30.20 -0.79
N ILE B 443 -17.93 30.24 -0.47
CA ILE B 443 -16.92 29.83 -1.45
C ILE B 443 -15.91 28.79 -0.92
N GLU B 444 -16.04 28.44 0.35
CA GLU B 444 -15.17 27.48 0.99
C GLU B 444 -15.69 26.06 0.83
N TYR B 445 -14.87 25.20 0.21
CA TYR B 445 -15.26 23.83 -0.07
C TYR B 445 -14.37 22.94 0.77
N LYS B 446 -14.60 22.91 2.09
CA LYS B 446 -13.69 22.20 2.98
C LYS B 446 -13.72 20.66 2.80
N GLN B 447 -14.78 20.15 2.18
CA GLN B 447 -14.92 18.71 2.00
C GLN B 447 -13.89 18.17 1.03
N VAL B 448 -13.26 19.01 0.20
CA VAL B 448 -12.27 18.46 -0.72
C VAL B 448 -10.87 18.72 -0.22
N ARG B 449 -10.77 19.30 0.98
CA ARG B 449 -9.45 19.57 1.57
C ARG B 449 -8.86 18.37 2.35
N GLY B 450 -7.57 18.42 2.60
CA GLY B 450 -6.92 17.54 3.55
C GLY B 450 -6.30 16.32 2.92
N LEU B 451 -5.79 15.44 3.77
CA LEU B 451 -4.86 14.42 3.27
C LEU B 451 -5.45 13.03 3.02
N ASN B 452 -6.77 12.90 3.08
CA ASN B 452 -7.40 11.64 2.68
C ASN B 452 -7.05 11.41 1.19
N GLY B 453 -6.80 10.17 0.83
CA GLY B 453 -6.22 9.85 -0.48
C GLY B 453 -7.22 10.03 -1.63
N ILE B 454 -8.50 9.88 -1.31
CA ILE B 454 -9.57 9.99 -2.30
C ILE B 454 -10.70 10.71 -1.56
N LYS B 455 -11.13 11.86 -2.10
CA LYS B 455 -12.08 12.70 -1.43
C LYS B 455 -13.18 12.94 -2.45
N GLU B 456 -14.41 13.01 -2.00
CA GLU B 456 -15.49 13.39 -2.91
C GLU B 456 -16.46 14.33 -2.24
N ALA B 457 -17.29 14.93 -3.08
CA ALA B 457 -18.22 15.93 -2.65
C ALA B 457 -19.33 15.95 -3.68
N GLU B 458 -20.52 16.24 -3.20
CA GLU B 458 -21.64 16.55 -4.07
C GLU B 458 -21.80 18.04 -4.02
N VAL B 459 -21.93 18.70 -5.17
CA VAL B 459 -22.07 20.16 -5.18
C VAL B 459 -23.27 20.56 -5.99
N GLU B 460 -23.96 21.62 -5.54
CA GLU B 460 -25.13 22.13 -6.23
C GLU B 460 -24.70 23.28 -7.14
N ILE B 461 -25.00 23.11 -8.41
CA ILE B 461 -24.77 24.14 -9.39
C ILE B 461 -26.04 24.31 -10.21
N ASN B 462 -26.72 25.44 -10.02
CA ASN B 462 -27.95 25.74 -10.76
C ASN B 462 -29.04 24.75 -10.48
N ASN B 463 -29.26 24.49 -9.20
CA ASN B 463 -30.27 23.55 -8.75
C ASN B 463 -30.11 22.20 -9.39
N ASN B 464 -28.87 21.81 -9.63
CA ASN B 464 -28.56 20.44 -10.01
C ASN B 464 -27.38 19.94 -9.21
N LYS B 465 -27.33 18.63 -8.96
CA LYS B 465 -26.27 18.06 -8.15
C LYS B 465 -25.24 17.44 -9.07
N TYR B 466 -23.96 17.74 -8.81
CA TYR B 466 -22.84 17.18 -9.57
C TYR B 466 -21.89 16.53 -8.58
N ASN B 467 -21.28 15.46 -9.05
CA ASN B 467 -20.29 14.70 -8.31
C ASN B 467 -18.83 15.03 -8.68
N VAL B 468 -18.05 15.42 -7.68
CA VAL B 468 -16.66 15.72 -7.91
C VAL B 468 -15.82 14.81 -7.01
N ALA B 469 -14.62 14.52 -7.46
CA ALA B 469 -13.65 13.77 -6.67
C ALA B 469 -12.28 14.41 -6.73
N VAL B 470 -11.54 14.28 -5.64
CA VAL B 470 -10.16 14.77 -5.57
C VAL B 470 -9.29 13.56 -5.24
N ILE B 471 -8.43 13.24 -6.17
CA ILE B 471 -7.52 12.13 -6.06
C ILE B 471 -6.19 12.70 -5.61
N ASN B 472 -5.71 12.24 -4.47
CA ASN B 472 -4.57 12.80 -3.78
C ASN B 472 -3.40 11.84 -3.72
N GLY B 473 -2.60 11.83 -4.79
CA GLY B 473 -1.48 10.94 -4.98
C GLY B 473 -1.67 9.91 -6.07
N ALA B 474 -0.61 9.66 -6.85
CA ALA B 474 -0.68 8.77 -8.01
C ALA B 474 -1.15 7.36 -7.60
N SER B 475 -0.64 6.86 -6.50
CA SER B 475 -1.13 5.52 -6.04
C SER B 475 -2.62 5.51 -5.75
N ASN B 476 -3.19 6.64 -5.31
CA ASN B 476 -4.64 6.73 -5.16
C ASN B 476 -5.44 6.85 -6.44
N LEU B 477 -4.85 7.37 -7.50
CA LEU B 477 -5.49 7.28 -8.83
C LEU B 477 -5.62 5.76 -9.24
N PHE B 478 -4.53 5.01 -9.14
CA PHE B 478 -4.58 3.57 -9.40
C PHE B 478 -5.69 2.94 -8.54
N LYS B 479 -5.74 3.28 -7.25
CA LYS B 479 -6.74 2.66 -6.38
C LYS B 479 -8.16 3.02 -6.83
N PHE B 480 -8.32 4.26 -7.23
CA PHE B 480 -9.61 4.76 -7.62
C PHE B 480 -10.15 4.07 -8.86
N MET B 481 -9.25 3.86 -9.82
CA MET B 481 -9.59 3.23 -11.08
C MET B 481 -9.73 1.70 -10.85
N LYS B 482 -8.69 1.07 -10.30
CA LYS B 482 -8.66 -0.39 -10.26
C LYS B 482 -9.76 -0.98 -9.39
N SER B 483 -10.11 -0.28 -8.33
CA SER B 483 -11.16 -0.71 -7.43
C SER B 483 -12.56 -0.53 -7.99
N GLY B 484 -12.67 0.10 -9.17
CA GLY B 484 -13.99 0.46 -9.70
C GLY B 484 -14.71 1.59 -9.00
N MET B 485 -14.05 2.34 -8.14
CA MET B 485 -14.72 3.45 -7.47
C MET B 485 -15.27 4.46 -8.50
N ILE B 486 -14.54 4.61 -9.57
CA ILE B 486 -14.92 5.43 -10.72
C ILE B 486 -16.29 5.02 -11.30
N ASN B 487 -16.71 3.78 -11.08
CA ASN B 487 -17.98 3.33 -11.61
C ASN B 487 -19.11 3.33 -10.59
N GLU B 488 -18.86 3.79 -9.37
CA GLU B 488 -19.94 3.91 -8.38
C GLU B 488 -20.99 4.96 -8.66
N LYS B 489 -20.62 6.01 -9.40
CA LYS B 489 -21.55 7.08 -9.72
C LYS B 489 -20.99 7.76 -10.95
N GLN B 490 -21.77 8.67 -11.53
CA GLN B 490 -21.26 9.48 -12.61
C GLN B 490 -20.49 10.62 -12.00
N TYR B 491 -19.19 10.62 -12.20
CA TYR B 491 -18.38 11.76 -11.78
C TYR B 491 -18.42 12.80 -12.88
N HIS B 492 -18.47 14.06 -12.47
CA HIS B 492 -18.47 15.18 -13.40
C HIS B 492 -17.14 15.89 -13.51
N PHE B 493 -16.46 16.04 -12.38
CA PHE B 493 -15.20 16.75 -12.42
C PHE B 493 -14.26 16.11 -11.41
N ILE B 494 -13.09 15.74 -11.87
CA ILE B 494 -12.10 15.07 -11.01
C ILE B 494 -10.70 15.71 -11.05
N GLU B 495 -10.19 16.06 -9.88
CA GLU B 495 -8.82 16.59 -9.72
C GLU B 495 -7.90 15.39 -9.45
N VAL B 496 -6.75 15.38 -10.12
CA VAL B 496 -5.71 14.42 -9.81
C VAL B 496 -4.38 15.11 -9.60
N MET B 497 -3.80 14.89 -8.42
CA MET B 497 -2.38 15.24 -8.21
C MET B 497 -1.54 13.98 -8.02
N ALA B 498 -0.33 13.95 -8.56
CA ALA B 498 0.54 12.80 -8.36
C ALA B 498 1.24 12.71 -6.98
N CYS B 499 1.51 13.85 -6.34
CA CYS B 499 2.25 13.86 -5.08
C CYS B 499 1.25 13.93 -3.98
N HIS B 500 1.32 13.02 -3.05
CA HIS B 500 0.35 13.02 -1.97
C HIS B 500 0.53 14.26 -1.09
N GLY B 501 -0.57 14.97 -0.85
CA GLY B 501 -0.56 16.32 -0.28
C GLY B 501 -0.62 17.47 -1.30
N GLY B 502 -0.47 17.14 -2.59
CA GLY B 502 -0.50 18.15 -3.64
C GLY B 502 0.93 18.62 -3.90
N CYS B 503 1.06 19.74 -4.60
CA CYS B 503 2.37 20.23 -4.98
C CYS B 503 3.25 20.65 -3.79
N VAL B 504 2.65 21.02 -2.64
CA VAL B 504 3.45 21.35 -1.46
C VAL B 504 4.39 20.17 -1.09
N ASN B 505 4.05 18.93 -1.51
CA ASN B 505 4.92 17.77 -1.32
C ASN B 505 5.59 17.30 -2.60
N GLY B 506 5.85 18.22 -3.49
CA GLY B 506 6.48 17.91 -4.76
C GLY B 506 7.92 17.40 -4.66
N GLY B 507 8.35 16.86 -5.78
CA GLY B 507 9.66 16.26 -5.87
C GLY B 507 10.82 17.24 -5.98
N GLY B 508 10.55 18.54 -6.21
CA GLY B 508 11.58 19.58 -6.22
C GLY B 508 11.65 20.39 -4.92
N GLN B 509 10.92 19.95 -3.90
CA GLN B 509 10.85 20.67 -2.62
C GLN B 509 12.09 20.39 -1.72
N PRO B 510 12.26 21.21 -0.66
CA PRO B 510 13.37 20.99 0.28
C PRO B 510 13.25 19.61 0.91
N HIS B 511 14.38 18.90 1.00
CA HIS B 511 14.38 17.69 1.81
C HIS B 511 14.15 18.04 3.28
N VAL B 512 13.57 17.07 3.97
CA VAL B 512 13.26 17.20 5.37
C VAL B 512 13.84 15.96 6.02
N ASN B 513 14.67 16.16 7.05
CA ASN B 513 15.24 15.05 7.79
C ASN B 513 14.10 14.19 8.39
N PRO B 514 14.16 12.85 8.23
CA PRO B 514 13.12 11.99 8.81
C PRO B 514 12.79 12.32 10.28
N LYS B 515 13.72 12.92 11.03
CA LYS B 515 13.44 13.26 12.42
C LYS B 515 12.61 14.53 12.53
N ASP B 516 12.83 15.52 11.66
CA ASP B 516 11.91 16.66 11.62
C ASP B 516 10.55 16.19 11.17
N LEU B 517 10.53 15.17 10.30
CA LEU B 517 9.28 14.66 9.77
C LEU B 517 8.41 14.08 10.87
N GLU B 518 9.03 13.66 11.98
CA GLU B 518 8.28 13.06 13.08
C GLU B 518 7.71 14.14 14.00
N LYS B 519 8.21 15.36 13.86
CA LYS B 519 7.71 16.48 14.64
C LYS B 519 6.77 17.39 13.85
N VAL B 520 6.92 17.40 12.53
CA VAL B 520 6.23 18.37 11.67
C VAL B 520 5.43 17.62 10.61
N ASP B 521 4.16 17.96 10.45
CA ASP B 521 3.37 17.41 9.32
C ASP B 521 3.60 18.35 8.15
N ILE B 522 4.56 17.98 7.34
CA ILE B 522 5.10 18.88 6.33
C ILE B 522 4.02 19.23 5.29
N LYS B 523 3.21 18.26 4.95
CA LYS B 523 2.12 18.48 3.98
C LYS B 523 1.12 19.51 4.50
N LYS B 524 0.71 19.40 5.76
CA LYS B 524 -0.26 20.35 6.32
C LYS B 524 0.34 21.71 6.60
N VAL B 525 1.59 21.75 7.09
CA VAL B 525 2.18 23.01 7.48
C VAL B 525 2.44 23.87 6.25
N ARG B 526 2.91 23.26 5.17
CA ARG B 526 3.14 24.00 3.95
C ARG B 526 1.79 24.43 3.35
N ALA B 527 0.83 23.52 3.32
CA ALA B 527 -0.47 23.85 2.80
C ALA B 527 -1.12 24.99 3.60
N SER B 528 -0.83 25.10 4.91
CA SER B 528 -1.52 26.09 5.74
C SER B 528 -1.18 27.53 5.32
N VAL B 529 0.04 27.72 4.81
CA VAL B 529 0.51 29.03 4.33
C VAL B 529 -0.40 29.47 3.20
N LEU B 530 -0.81 28.50 2.37
CA LEU B 530 -1.59 28.84 1.17
C LEU B 530 -3.02 29.15 1.55
N TYR B 531 -3.62 28.33 2.41
CA TYR B 531 -4.98 28.60 2.81
C TYR B 531 -5.03 29.90 3.62
N ASN B 532 -3.99 30.16 4.38
CA ASN B 532 -3.89 31.42 5.09
C ASN B 532 -3.90 32.62 4.14
N GLN B 533 -3.20 32.53 3.00
CA GLN B 533 -3.21 33.62 2.07
C GLN B 533 -4.63 33.82 1.54
N ASP B 534 -5.28 32.73 1.20
CA ASP B 534 -6.61 32.78 0.65
C ASP B 534 -7.58 33.49 1.62
N GLU B 535 -7.47 33.16 2.90
CA GLU B 535 -8.32 33.77 3.96
C GLU B 535 -8.17 35.28 4.00
N HIS B 536 -6.98 35.78 3.70
CA HIS B 536 -6.67 37.20 3.90
C HIS B 536 -6.65 38.03 2.64
N LEU B 537 -6.87 37.41 1.49
CA LEU B 537 -6.86 38.18 0.26
C LEU B 537 -8.26 38.71 0.01
N SER B 538 -8.34 39.92 -0.52
CA SER B 538 -9.65 40.49 -0.79
C SER B 538 -10.36 39.75 -1.93
N LYS B 539 -9.61 39.36 -2.97
CA LYS B 539 -10.21 38.66 -4.09
C LYS B 539 -9.93 37.19 -3.89
N ARG B 540 -10.99 36.39 -3.77
CA ARG B 540 -10.83 34.94 -3.51
C ARG B 540 -11.41 34.07 -4.64
N LYS B 541 -11.64 34.69 -5.79
CA LYS B 541 -12.14 33.97 -6.95
C LYS B 541 -11.24 34.41 -8.12
N SER B 542 -10.83 33.47 -8.97
CA SER B 542 -9.96 33.75 -10.15
C SER B 542 -10.47 34.87 -11.05
N HIS B 543 -11.77 34.88 -11.27
CA HIS B 543 -12.35 35.84 -12.17
C HIS B 543 -12.54 37.22 -11.51
N GLU B 544 -12.09 37.36 -10.28
CA GLU B 544 -12.05 38.67 -9.61
C GLU B 544 -10.65 39.29 -9.65
N ASN B 545 -9.67 38.56 -10.18
CA ASN B 545 -8.32 39.05 -10.35
C ASN B 545 -8.26 40.21 -11.39
N THR B 546 -8.00 41.43 -10.95
CA THR B 546 -8.20 42.59 -11.82
C THR B 546 -7.21 42.63 -12.97
N ALA B 547 -5.97 42.31 -12.67
CA ALA B 547 -4.97 42.18 -13.72
C ALA B 547 -5.38 41.13 -14.75
N LEU B 548 -5.90 39.99 -14.27
CA LEU B 548 -6.32 38.99 -15.20
C LEU B 548 -7.47 39.47 -16.08
N VAL B 549 -8.43 40.09 -15.44
CA VAL B 549 -9.65 40.52 -16.15
C VAL B 549 -9.28 41.52 -17.24
N LYS B 550 -8.37 42.43 -16.93
CA LYS B 550 -7.85 43.35 -17.97
C LYS B 550 -7.20 42.60 -19.12
N MET B 551 -6.42 41.57 -18.80
CA MET B 551 -5.76 40.79 -19.83
C MET B 551 -6.79 40.15 -20.76
N TYR B 552 -7.86 39.58 -20.22
CA TYR B 552 -8.86 38.93 -21.08
C TYR B 552 -9.61 40.02 -21.87
N GLN B 553 -9.98 41.07 -21.19
CA GLN B 553 -10.75 42.13 -21.86
C GLN B 553 -9.98 42.78 -23.02
N ASN B 554 -8.68 43.02 -22.83
CA ASN B 554 -7.90 43.74 -23.83
C ASN B 554 -7.17 42.87 -24.85
N TYR B 555 -7.05 41.55 -24.59
CA TYR B 555 -6.17 40.76 -25.42
C TYR B 555 -6.77 39.38 -25.79
N PHE B 556 -7.19 38.62 -24.80
CA PHE B 556 -7.61 37.23 -25.12
C PHE B 556 -9.05 37.06 -25.56
N GLY B 557 -9.94 37.93 -25.12
CA GLY B 557 -11.36 37.76 -25.41
C GLY B 557 -12.00 36.86 -24.36
N LYS B 558 -13.08 36.20 -24.72
CA LYS B 558 -13.82 35.31 -23.80
C LYS B 558 -13.02 34.01 -23.55
N PRO B 559 -12.87 33.61 -22.27
CA PRO B 559 -12.24 32.31 -22.01
C PRO B 559 -13.00 31.19 -22.68
N GLY B 560 -12.28 30.14 -23.01
CA GLY B 560 -12.86 28.95 -23.59
C GLY B 560 -13.27 29.11 -25.03
N GLU B 561 -13.13 30.32 -25.56
CA GLU B 561 -13.57 30.64 -26.91
C GLU B 561 -12.45 31.32 -27.68
N GLY B 562 -12.62 31.40 -28.99
CA GLY B 562 -11.75 32.17 -29.86
C GLY B 562 -10.25 32.01 -29.60
N ARG B 563 -9.61 33.16 -29.44
CA ARG B 563 -8.18 33.24 -29.27
C ARG B 563 -7.75 32.47 -28.03
N ALA B 564 -8.55 32.58 -26.97
CA ALA B 564 -8.20 31.96 -25.69
C ALA B 564 -8.09 30.49 -25.91
N HIS B 565 -9.07 29.94 -26.64
CA HIS B 565 -9.07 28.52 -26.85
C HIS B 565 -7.96 28.10 -27.79
N GLU B 566 -7.62 28.93 -28.77
CA GLU B 566 -6.61 28.51 -29.74
C GLU B 566 -5.20 28.50 -29.13
N ILE B 567 -4.86 29.44 -28.25
CA ILE B 567 -3.49 29.42 -27.75
C ILE B 567 -3.34 29.03 -26.29
N LEU B 568 -4.37 29.11 -25.47
CA LEU B 568 -4.23 28.79 -24.05
C LEU B 568 -4.57 27.32 -23.69
N HIS B 569 -4.84 26.51 -24.70
CA HIS B 569 -5.34 25.15 -24.50
C HIS B 569 -4.38 24.20 -25.16
N PHE B 570 -4.47 22.94 -24.78
CA PHE B 570 -3.59 21.92 -25.27
C PHE B 570 -4.31 20.57 -25.05
N LYS B 571 -4.44 19.78 -26.10
CA LYS B 571 -5.03 18.43 -25.97
C LYS B 571 -3.98 17.37 -26.09
N TYR B 572 -4.00 16.38 -25.19
CA TYR B 572 -3.21 15.18 -25.38
C TYR B 572 -4.04 14.15 -26.16
N LYS B 573 -3.41 13.41 -27.05
CA LYS B 573 -4.16 12.53 -27.94
C LYS B 573 -3.68 11.08 -27.90
#